data_3Q12
#
_entry.id   3Q12
#
_cell.length_a   44.730
_cell.length_b   77.054
_cell.length_c   98.757
_cell.angle_alpha   100.670
_cell.angle_beta   95.330
_cell.angle_gamma   94.430
#
_symmetry.space_group_name_H-M   'P 1'
#
loop_
_entity.id
_entity.type
_entity.pdbx_description
1 polymer 'Pantoate--beta-alanine ligase'
2 non-polymer PANTOATE
3 non-polymer 'CHLORIDE ION'
4 water water
#
_entity_poly.entity_id   1
_entity_poly.type   'polypeptide(L)'
_entity_poly.pdbx_seq_one_letter_code
;SNAMLIIETLPLLRQQIRRWRQEGKRIALVPTMGNLHEGHMTLVDEAKTRADVVVVTIFVNPLQFERPDDLAHYPRTLQE
DCEKLTRHGADLVFAPAAADIYPAGLEKQTYVDVPALSTILEGASRPGHFRGVSTIVSKLFNLIQPDVACFGEKDYQQLA
LIRKMVADMGYDINIVGVPTVRAKDGLALSSRNGYLTEEERQIAPQLSKIMWALAEKMALGERQIDALLEEAAAQLLRVG
FTPDELFIRDAETLQPLTVDSQQAVILMAAWLGKARLIDNQLVDLRH
;
_entity_poly.pdbx_strand_id   A,B,C,D
#
# COMPACT_ATOMS: atom_id res chain seq x y z
N ALA A 3 5.21 -21.39 8.47
CA ALA A 3 5.87 -20.44 9.43
C ALA A 3 4.77 -19.60 10.13
N MET A 4 3.52 -20.08 10.07
CA MET A 4 2.37 -19.31 10.65
C MET A 4 2.44 -19.26 12.16
N LEU A 5 2.22 -18.09 12.72
CA LEU A 5 2.16 -17.89 14.16
C LEU A 5 0.75 -17.95 14.67
N ILE A 6 0.61 -18.38 15.90
CA ILE A 6 -0.65 -18.33 16.65
C ILE A 6 -0.39 -17.52 17.93
N ILE A 7 -1.22 -16.49 18.14
CA ILE A 7 -1.12 -15.65 19.34
C ILE A 7 -2.47 -15.53 19.97
N GLU A 8 -2.52 -15.72 21.29
CA GLU A 8 -3.70 -15.49 22.02
C GLU A 8 -3.76 -14.22 22.86
N THR A 9 -2.63 -13.75 23.38
CA THR A 9 -2.70 -12.66 24.36
C THR A 9 -2.45 -11.32 23.65
N LEU A 10 -3.05 -10.29 24.24
CA LEU A 10 -2.91 -8.93 23.67
C LEU A 10 -1.47 -8.38 23.70
N PRO A 11 -0.72 -8.57 24.79
CA PRO A 11 0.71 -8.15 24.78
C PRO A 11 1.60 -8.84 23.78
N LEU A 12 1.38 -10.13 23.57
CA LEU A 12 2.12 -10.85 22.55
C LEU A 12 1.74 -10.42 21.17
N LEU A 13 0.47 -10.10 20.94
CA LEU A 13 0.05 -9.58 19.63
C LEU A 13 0.76 -8.27 19.35
N ARG A 14 0.75 -7.37 20.32
CA ARG A 14 1.42 -6.06 20.11
C ARG A 14 2.91 -6.19 19.85
N GLN A 15 3.58 -7.12 20.53
CA GLN A 15 4.98 -7.37 20.20
C GLN A 15 5.19 -7.71 18.74
N GLN A 16 4.36 -8.58 18.19
CA GLN A 16 4.54 -9.02 16.83
C GLN A 16 4.18 -7.93 15.83
N ILE A 17 3.11 -7.21 16.08
CA ILE A 17 2.70 -6.11 15.20
C ILE A 17 3.83 -5.06 15.20
N ARG A 18 4.38 -4.74 16.36
CA ARG A 18 5.54 -3.79 16.38
C ARG A 18 6.72 -4.27 15.57
N ARG A 19 7.07 -5.53 15.69
CA ARG A 19 8.17 -6.13 14.91
CA ARG A 19 8.17 -6.10 14.91
C ARG A 19 7.93 -6.00 13.41
N TRP A 20 6.72 -6.32 12.95
CA TRP A 20 6.45 -6.22 11.51
C TRP A 20 6.52 -4.81 11.01
N ARG A 21 6.09 -3.86 11.83
CA ARG A 21 6.20 -2.48 11.41
C ARG A 21 7.66 -2.02 11.35
N GLN A 22 8.50 -2.55 12.26
CA GLN A 22 9.95 -2.26 12.21
CA GLN A 22 9.95 -2.26 12.23
C GLN A 22 10.63 -2.85 10.98
N GLU A 23 10.07 -3.96 10.48
CA GLU A 23 10.53 -4.59 9.28
C GLU A 23 9.99 -3.90 7.98
N GLY A 24 9.17 -2.87 8.13
CA GLY A 24 8.59 -2.13 7.00
C GLY A 24 7.47 -2.88 6.33
N LYS A 25 6.82 -3.80 7.04
CA LYS A 25 5.75 -4.59 6.41
C LYS A 25 4.39 -3.87 6.37
N ARG A 26 3.68 -4.04 5.24
CA ARG A 26 2.24 -3.67 5.13
C ARG A 26 1.42 -4.87 5.66
N ILE A 27 0.39 -4.60 6.47
CA ILE A 27 -0.40 -5.61 7.15
C ILE A 27 -1.84 -5.61 6.68
N ALA A 28 -2.38 -6.79 6.31
CA ALA A 28 -3.77 -6.96 5.96
C ALA A 28 -4.42 -7.71 7.17
N LEU A 29 -5.65 -7.40 7.51
CA LEU A 29 -6.41 -8.02 8.53
C LEU A 29 -7.65 -8.68 7.97
N VAL A 30 -7.92 -9.90 8.43
CA VAL A 30 -9.15 -10.66 8.04
C VAL A 30 -9.88 -11.09 9.33
N PRO A 31 -10.89 -10.34 9.73
CA PRO A 31 -11.59 -10.69 10.99
C PRO A 31 -12.57 -11.84 10.75
N THR A 32 -12.57 -12.81 11.67
CA THR A 32 -13.48 -13.95 11.56
C THR A 32 -13.95 -14.37 12.94
N MET A 33 -15.00 -15.19 12.94
CA MET A 33 -15.46 -15.81 14.17
C MET A 33 -15.15 -17.33 14.15
N GLY A 34 -14.19 -17.72 13.37
CA GLY A 34 -13.76 -19.12 13.34
C GLY A 34 -14.74 -20.04 12.64
N ASN A 35 -14.47 -21.33 12.77
CA ASN A 35 -15.23 -22.39 12.04
C ASN A 35 -15.17 -22.12 10.56
N LEU A 36 -13.96 -22.00 10.08
CA LEU A 36 -13.64 -21.43 8.80
C LEU A 36 -13.97 -22.42 7.66
N HIS A 37 -14.42 -21.83 6.54
CA HIS A 37 -14.75 -22.55 5.34
C HIS A 37 -14.00 -21.97 4.14
N GLU A 38 -14.30 -22.46 2.96
CA GLU A 38 -13.63 -21.98 1.72
CA GLU A 38 -13.65 -22.03 1.73
C GLU A 38 -13.79 -20.51 1.45
N GLY A 39 -14.87 -19.94 1.89
CA GLY A 39 -15.10 -18.49 1.72
C GLY A 39 -14.04 -17.69 2.48
N HIS A 40 -13.79 -18.12 3.71
CA HIS A 40 -12.71 -17.58 4.51
C HIS A 40 -11.33 -17.70 3.85
N MET A 41 -11.06 -18.84 3.24
CA MET A 41 -9.79 -19.02 2.56
C MET A 41 -9.65 -18.08 1.40
N THR A 42 -10.75 -17.72 0.75
CA THR A 42 -10.67 -16.80 -0.38
CA THR A 42 -10.66 -16.79 -0.39
C THR A 42 -10.41 -15.35 0.12
N LEU A 43 -10.90 -15.03 1.31
CA LEU A 43 -10.58 -13.73 1.98
C LEU A 43 -9.09 -13.66 2.23
N VAL A 44 -8.53 -14.76 2.73
CA VAL A 44 -7.10 -14.80 3.06
C VAL A 44 -6.28 -14.65 1.78
N ASP A 45 -6.66 -15.38 0.72
CA ASP A 45 -5.95 -15.28 -0.56
C ASP A 45 -6.00 -13.86 -1.07
N GLU A 46 -7.16 -13.24 -0.97
CA GLU A 46 -7.27 -11.85 -1.47
C GLU A 46 -6.37 -10.93 -0.65
N ALA A 47 -6.41 -11.08 0.68
CA ALA A 47 -5.57 -10.25 1.58
C ALA A 47 -4.08 -10.37 1.27
N LYS A 48 -3.63 -11.60 0.97
CA LYS A 48 -2.23 -11.80 0.64
CA LYS A 48 -2.27 -11.91 0.53
C LYS A 48 -1.78 -11.06 -0.62
N THR A 49 -2.70 -10.69 -1.50
CA THR A 49 -2.33 -9.90 -2.69
C THR A 49 -2.28 -8.38 -2.38
N ARG A 50 -2.66 -7.99 -1.18
CA ARG A 50 -2.76 -6.59 -0.81
C ARG A 50 -1.82 -6.12 0.29
N ALA A 51 -1.06 -7.03 0.88
CA ALA A 51 -0.14 -6.68 1.91
C ALA A 51 0.98 -7.71 1.99
N ASP A 52 1.99 -7.39 2.78
CA ASP A 52 3.10 -8.30 3.02
C ASP A 52 2.79 -9.45 3.95
N VAL A 53 2.00 -9.14 4.98
CA VAL A 53 1.60 -10.09 5.99
C VAL A 53 0.10 -10.01 6.22
N VAL A 54 -0.50 -11.16 6.46
CA VAL A 54 -1.92 -11.29 6.75
C VAL A 54 -2.13 -11.81 8.11
N VAL A 55 -2.91 -11.05 8.89
CA VAL A 55 -3.37 -11.43 10.21
C VAL A 55 -4.83 -11.86 10.14
N VAL A 56 -5.15 -13.07 10.58
CA VAL A 56 -6.52 -13.54 10.60
C VAL A 56 -6.91 -13.57 12.08
N THR A 57 -8.01 -12.97 12.45
CA THR A 57 -8.52 -13.09 13.80
C THR A 57 -9.62 -14.15 13.88
N ILE A 58 -9.65 -14.86 15.03
CA ILE A 58 -10.69 -15.84 15.33
C ILE A 58 -11.20 -15.51 16.69
N PHE A 59 -12.42 -14.97 16.75
CA PHE A 59 -13.05 -14.60 17.99
C PHE A 59 -14.52 -14.63 17.83
N VAL A 60 -15.15 -15.51 18.59
CA VAL A 60 -16.61 -15.57 18.71
C VAL A 60 -17.01 -14.42 19.66
N ASN A 61 -17.51 -13.32 19.09
CA ASN A 61 -17.67 -12.07 19.85
C ASN A 61 -19.02 -12.03 20.58
N PRO A 62 -19.06 -12.20 21.90
CA PRO A 62 -20.38 -12.30 22.54
C PRO A 62 -21.22 -11.01 22.44
N LEU A 63 -20.54 -9.87 22.28
CA LEU A 63 -21.25 -8.59 22.19
C LEU A 63 -22.20 -8.49 20.99
N GLN A 64 -21.99 -9.28 19.95
CA GLN A 64 -22.85 -9.19 18.74
C GLN A 64 -23.92 -10.27 18.67
N PHE A 65 -24.03 -11.12 19.68
CA PHE A 65 -25.06 -12.19 19.71
C PHE A 65 -26.22 -11.72 20.58
N GLU A 66 -27.28 -11.28 19.93
CA GLU A 66 -28.44 -10.80 20.67
C GLU A 66 -29.33 -11.93 21.19
N ARG A 67 -29.10 -13.14 20.70
CA ARG A 67 -29.76 -14.34 21.16
C ARG A 67 -28.80 -15.28 21.88
N PRO A 68 -28.99 -15.47 23.19
CA PRO A 68 -28.05 -16.28 23.97
C PRO A 68 -27.89 -17.72 23.45
N ASP A 69 -28.97 -18.29 22.90
CA ASP A 69 -28.87 -19.63 22.36
C ASP A 69 -27.97 -19.71 21.15
N ASP A 70 -27.94 -18.64 20.36
CA ASP A 70 -27.11 -18.58 19.16
C ASP A 70 -25.63 -18.57 19.61
N LEU A 71 -25.30 -17.78 20.61
CA LEU A 71 -23.88 -17.75 21.12
C LEU A 71 -23.44 -19.11 21.67
N ALA A 72 -24.36 -19.76 22.38
CA ALA A 72 -24.08 -21.06 23.01
C ALA A 72 -23.74 -22.13 21.99
N HIS A 73 -24.44 -22.11 20.85
CA HIS A 73 -24.31 -23.10 19.81
C HIS A 73 -23.32 -22.78 18.71
N TYR A 74 -22.79 -21.57 18.69
CA TYR A 74 -21.89 -21.21 17.60
C TYR A 74 -20.69 -22.18 17.59
N PRO A 75 -20.33 -22.69 16.44
CA PRO A 75 -19.31 -23.73 16.43
C PRO A 75 -17.93 -23.21 16.73
N ARG A 76 -17.16 -24.02 17.45
CA ARG A 76 -15.78 -23.71 17.78
C ARG A 76 -14.88 -24.88 17.37
N THR A 77 -13.96 -24.61 16.43
CA THR A 77 -13.14 -25.62 15.77
C THR A 77 -11.75 -25.04 15.53
N LEU A 78 -11.15 -24.55 16.60
CA LEU A 78 -9.90 -23.74 16.41
C LEU A 78 -8.76 -24.48 15.77
N GLN A 79 -8.50 -25.71 16.24
CA GLN A 79 -7.37 -26.45 15.65
C GLN A 79 -7.62 -26.71 14.16
N GLU A 80 -8.85 -27.07 13.78
CA GLU A 80 -9.17 -27.26 12.36
CA GLU A 80 -9.16 -27.26 12.39
C GLU A 80 -8.96 -25.96 11.58
N ASP A 81 -9.42 -24.84 12.17
CA ASP A 81 -9.31 -23.54 11.54
C ASP A 81 -7.81 -23.23 11.26
N CYS A 82 -7.01 -23.41 12.31
CA CYS A 82 -5.57 -23.12 12.17
C CYS A 82 -4.88 -23.97 11.12
N GLU A 83 -5.18 -25.26 11.08
CA GLU A 83 -4.62 -26.11 10.03
C GLU A 83 -4.96 -25.71 8.61
N LYS A 84 -6.19 -25.26 8.38
CA LYS A 84 -6.59 -24.72 7.08
C LYS A 84 -5.81 -23.45 6.72
N LEU A 85 -5.68 -22.55 7.69
CA LEU A 85 -5.00 -21.31 7.46
C LEU A 85 -3.51 -21.51 7.12
N THR A 86 -2.89 -22.52 7.69
CA THR A 86 -1.48 -22.75 7.41
CA THR A 86 -1.48 -22.83 7.39
C THR A 86 -1.29 -23.04 5.91
N ARG A 87 -2.26 -23.69 5.28
CA ARG A 87 -2.16 -23.96 3.82
C ARG A 87 -2.46 -22.79 2.91
N HIS A 88 -3.05 -21.75 3.45
CA HIS A 88 -3.33 -20.55 2.66
C HIS A 88 -2.42 -19.42 3.00
N GLY A 89 -1.46 -19.71 3.88
CA GLY A 89 -0.32 -18.85 4.02
C GLY A 89 -0.60 -17.64 4.85
N ALA A 90 -1.66 -17.69 5.66
CA ALA A 90 -1.86 -16.71 6.70
C ALA A 90 -0.54 -16.60 7.50
N ASP A 91 -0.19 -15.40 7.96
CA ASP A 91 1.06 -15.22 8.71
C ASP A 91 0.87 -15.28 10.19
N LEU A 92 -0.32 -14.94 10.65
CA LEU A 92 -0.62 -14.90 12.08
C LEU A 92 -2.09 -15.13 12.27
N VAL A 93 -2.42 -16.02 13.19
CA VAL A 93 -3.78 -16.15 13.71
C VAL A 93 -3.82 -15.59 15.13
N PHE A 94 -4.70 -14.62 15.35
CA PHE A 94 -4.91 -14.05 16.66
C PHE A 94 -6.21 -14.61 17.18
N ALA A 95 -6.17 -15.40 18.26
CA ALA A 95 -7.33 -16.14 18.78
C ALA A 95 -7.46 -15.92 20.30
N PRO A 96 -7.96 -14.73 20.68
CA PRO A 96 -8.05 -14.37 22.06
C PRO A 96 -9.18 -15.02 22.78
N ALA A 97 -9.00 -15.16 24.08
CA ALA A 97 -10.11 -15.47 25.00
C ALA A 97 -11.02 -14.28 25.22
N ALA A 98 -12.31 -14.56 25.46
CA ALA A 98 -13.26 -13.51 25.73
C ALA A 98 -12.83 -12.77 27.01
N ALA A 99 -12.24 -13.48 28.00
CA ALA A 99 -11.89 -12.83 29.29
C ALA A 99 -10.77 -11.82 29.13
N ASP A 100 -10.02 -11.94 28.04
CA ASP A 100 -9.01 -10.94 27.72
C ASP A 100 -9.47 -9.77 26.85
N ILE A 101 -10.42 -10.03 25.96
CA ILE A 101 -11.04 -8.99 25.17
C ILE A 101 -11.99 -8.13 26.00
N TYR A 102 -12.76 -8.79 26.86
CA TYR A 102 -13.75 -8.15 27.73
C TYR A 102 -13.54 -8.56 29.21
N PRO A 103 -12.45 -8.10 29.82
CA PRO A 103 -12.06 -8.68 31.14
C PRO A 103 -13.06 -8.55 32.28
N ALA A 104 -13.88 -7.51 32.23
CA ALA A 104 -14.95 -7.29 33.20
C ALA A 104 -16.34 -7.60 32.63
N GLY A 105 -16.40 -8.35 31.53
CA GLY A 105 -17.68 -8.59 30.89
C GLY A 105 -18.21 -7.40 30.11
N LEU A 106 -19.47 -7.47 29.74
CA LEU A 106 -20.03 -6.60 28.71
C LEU A 106 -20.85 -5.45 29.26
N GLU A 107 -21.29 -5.54 30.51
CA GLU A 107 -22.15 -4.49 31.06
C GLU A 107 -21.52 -3.11 31.07
N LYS A 108 -20.23 -3.00 31.33
CA LYS A 108 -19.61 -1.66 31.37
C LYS A 108 -18.61 -1.46 30.25
N GLN A 109 -18.62 -2.36 29.29
CA GLN A 109 -17.65 -2.29 28.18
C GLN A 109 -17.95 -1.08 27.26
N THR A 110 -16.90 -0.30 26.96
CA THR A 110 -17.01 0.82 26.05
C THR A 110 -17.47 0.26 24.70
N TYR A 111 -18.34 0.98 23.99
CA TYR A 111 -18.82 0.48 22.70
C TYR A 111 -18.80 1.58 21.65
N VAL A 112 -18.88 1.13 20.42
CA VAL A 112 -18.94 1.98 19.25
C VAL A 112 -20.25 1.67 18.53
N ASP A 113 -21.01 2.69 18.20
CA ASP A 113 -22.31 2.55 17.48
CA ASP A 113 -22.20 2.46 17.39
C ASP A 113 -22.23 3.36 16.18
N VAL A 114 -22.71 2.80 15.08
CA VAL A 114 -22.77 3.50 13.80
C VAL A 114 -24.27 3.75 13.55
N PRO A 115 -24.79 4.88 13.99
CA PRO A 115 -26.24 4.99 13.93
C PRO A 115 -26.86 5.14 12.56
N ALA A 116 -26.04 5.38 11.56
CA ALA A 116 -26.54 5.49 10.22
C ALA A 116 -27.11 4.18 9.66
N LEU A 117 -26.64 3.08 10.18
CA LEU A 117 -26.88 1.77 9.58
C LEU A 117 -27.18 0.66 10.59
N SER A 118 -27.00 0.89 11.87
CA SER A 118 -27.09 -0.17 12.87
C SER A 118 -28.51 -0.55 13.18
N THR A 119 -29.49 0.30 12.85
CA THR A 119 -30.88 0.08 13.35
C THR A 119 -31.89 -0.14 12.23
N ILE A 120 -31.44 -0.15 10.98
CA ILE A 120 -32.29 -0.44 9.81
C ILE A 120 -31.98 -1.77 9.21
N LEU A 121 -32.90 -2.29 8.40
CA LEU A 121 -32.66 -3.51 7.61
C LEU A 121 -32.28 -4.66 8.55
N GLU A 122 -31.12 -5.28 8.36
CA GLU A 122 -30.75 -6.38 9.21
C GLU A 122 -30.62 -5.93 10.67
N GLY A 123 -30.28 -4.63 10.87
CA GLY A 123 -30.17 -4.12 12.20
C GLY A 123 -31.47 -4.01 12.94
N ALA A 124 -32.55 -3.82 12.18
CA ALA A 124 -33.88 -3.90 12.73
C ALA A 124 -34.31 -5.32 13.10
N SER A 125 -33.86 -6.28 12.32
CA SER A 125 -34.12 -7.67 12.59
C SER A 125 -33.27 -8.22 13.73
N ARG A 126 -32.11 -7.59 13.95
CA ARG A 126 -31.15 -8.03 14.99
C ARG A 126 -30.74 -6.86 15.88
N PRO A 127 -31.64 -6.39 16.73
CA PRO A 127 -31.29 -5.24 17.57
C PRO A 127 -30.14 -5.56 18.47
N GLY A 128 -29.17 -4.65 18.54
CA GLY A 128 -27.99 -4.84 19.37
C GLY A 128 -26.83 -5.53 18.70
N HIS A 129 -27.09 -6.19 17.58
CA HIS A 129 -26.06 -6.96 16.88
C HIS A 129 -24.94 -6.04 16.34
N PHE A 130 -25.32 -4.98 15.63
CA PHE A 130 -24.28 -4.24 14.93
C PHE A 130 -23.42 -3.45 15.90
N ARG A 131 -23.93 -3.09 17.06
CA ARG A 131 -23.10 -2.41 18.08
C ARG A 131 -21.93 -3.39 18.43
N GLY A 132 -22.23 -4.67 18.56
CA GLY A 132 -21.21 -5.67 18.80
C GLY A 132 -20.13 -5.71 17.73
N VAL A 133 -20.57 -5.69 16.45
CA VAL A 133 -19.68 -5.72 15.31
C VAL A 133 -18.74 -4.49 15.28
N SER A 134 -19.31 -3.30 15.35
CA SER A 134 -18.49 -2.08 15.27
C SER A 134 -17.53 -2.00 16.47
N THR A 135 -17.97 -2.44 17.64
CA THR A 135 -17.12 -2.41 18.80
C THR A 135 -15.90 -3.34 18.62
N ILE A 136 -16.14 -4.60 18.24
CA ILE A 136 -15.00 -5.52 18.10
C ILE A 136 -14.08 -5.19 16.93
N VAL A 137 -14.66 -4.73 15.81
CA VAL A 137 -13.86 -4.41 14.66
C VAL A 137 -12.99 -3.17 15.02
N SER A 138 -13.59 -2.16 15.61
CA SER A 138 -12.80 -1.01 16.11
CA SER A 138 -12.81 -1.01 16.12
C SER A 138 -11.65 -1.48 17.01
N LYS A 139 -11.94 -2.34 17.98
CA LYS A 139 -10.89 -2.84 18.86
C LYS A 139 -9.78 -3.54 18.10
N LEU A 140 -10.13 -4.43 17.17
CA LEU A 140 -9.18 -5.10 16.35
C LEU A 140 -8.34 -4.14 15.50
N PHE A 141 -8.99 -3.11 14.95
CA PHE A 141 -8.25 -2.09 14.22
C PHE A 141 -7.26 -1.35 15.13
N ASN A 142 -7.65 -1.08 16.36
CA ASN A 142 -6.79 -0.35 17.29
C ASN A 142 -5.57 -1.23 17.69
N LEU A 143 -5.83 -2.51 17.90
CA LEU A 143 -4.77 -3.50 18.29
C LEU A 143 -3.77 -3.77 17.16
N ILE A 144 -4.27 -3.86 15.94
CA ILE A 144 -3.50 -4.33 14.81
C ILE A 144 -2.98 -3.21 13.90
N GLN A 145 -3.73 -2.15 13.79
CA GLN A 145 -3.45 -1.02 12.94
C GLN A 145 -3.10 -1.47 11.52
N PRO A 146 -3.99 -2.25 10.92
CA PRO A 146 -3.71 -2.72 9.54
C PRO A 146 -3.76 -1.66 8.48
N ASP A 147 -3.08 -1.90 7.37
CA ASP A 147 -3.24 -1.06 6.19
C ASP A 147 -4.54 -1.30 5.41
N VAL A 148 -4.95 -2.57 5.44
CA VAL A 148 -6.13 -3.00 4.75
CA VAL A 148 -6.04 -3.14 4.65
C VAL A 148 -6.83 -4.08 5.54
N ALA A 149 -8.15 -4.08 5.44
CA ALA A 149 -8.98 -5.12 6.09
C ALA A 149 -10.02 -5.65 5.13
N CYS A 150 -10.16 -6.99 5.10
CA CYS A 150 -10.97 -7.67 4.11
C CYS A 150 -12.16 -8.37 4.77
N PHE A 151 -13.33 -8.19 4.16
CA PHE A 151 -14.63 -8.72 4.69
C PHE A 151 -15.41 -9.33 3.54
N GLY A 152 -16.26 -10.26 3.89
CA GLY A 152 -17.11 -10.98 2.90
C GLY A 152 -18.33 -10.13 2.52
N GLU A 153 -18.68 -10.17 1.26
CA GLU A 153 -19.88 -9.49 0.82
CA GLU A 153 -19.92 -9.54 0.71
C GLU A 153 -21.18 -10.24 1.22
N LYS A 154 -21.05 -11.46 1.71
CA LYS A 154 -22.23 -12.15 2.23
C LYS A 154 -22.95 -11.38 3.32
N ASP A 155 -22.14 -10.72 4.17
CA ASP A 155 -22.66 -9.86 5.21
C ASP A 155 -22.60 -8.42 4.65
N TYR A 156 -23.52 -8.13 3.74
CA TYR A 156 -23.44 -6.94 2.89
C TYR A 156 -23.58 -5.64 3.71
N GLN A 157 -24.57 -5.62 4.59
CA GLN A 157 -24.80 -4.46 5.41
C GLN A 157 -23.68 -4.26 6.44
N GLN A 158 -23.14 -5.36 6.99
CA GLN A 158 -21.94 -5.27 7.84
C GLN A 158 -20.81 -4.55 7.15
N LEU A 159 -20.55 -4.88 5.89
CA LEU A 159 -19.49 -4.23 5.16
C LEU A 159 -19.76 -2.72 5.00
N ALA A 160 -21.01 -2.34 4.68
CA ALA A 160 -21.38 -0.97 4.57
C ALA A 160 -21.16 -0.25 5.92
N LEU A 161 -21.57 -0.93 6.99
CA LEU A 161 -21.43 -0.39 8.31
C LEU A 161 -19.96 -0.12 8.71
N ILE A 162 -19.10 -1.07 8.46
CA ILE A 162 -17.65 -0.91 8.70
C ILE A 162 -17.05 0.21 7.86
N ARG A 163 -17.45 0.27 6.58
CA ARG A 163 -17.02 1.41 5.78
C ARG A 163 -17.41 2.78 6.35
N LYS A 164 -18.63 2.88 6.87
CA LYS A 164 -19.12 4.09 7.48
CA LYS A 164 -19.08 4.12 7.46
C LYS A 164 -18.33 4.42 8.76
N MET A 165 -18.11 3.40 9.61
CA MET A 165 -17.34 3.56 10.83
C MET A 165 -15.92 4.09 10.48
N VAL A 166 -15.30 3.55 9.44
CA VAL A 166 -13.95 3.96 9.07
C VAL A 166 -13.88 5.40 8.60
N ALA A 167 -14.87 5.79 7.78
CA ALA A 167 -14.97 7.19 7.31
C ALA A 167 -15.24 8.15 8.48
N ASP A 168 -16.15 7.78 9.34
CA ASP A 168 -16.56 8.62 10.47
C ASP A 168 -15.49 8.77 11.54
N MET A 169 -14.76 7.68 11.81
CA MET A 169 -13.81 7.62 12.93
C MET A 169 -12.35 7.89 12.56
N GLY A 170 -12.06 8.20 11.31
CA GLY A 170 -10.72 8.60 10.94
C GLY A 170 -9.70 7.46 10.86
N TYR A 171 -10.18 6.24 10.60
CA TYR A 171 -9.25 5.11 10.45
C TYR A 171 -8.57 5.19 9.07
N ASP A 172 -7.27 5.05 9.04
CA ASP A 172 -6.49 5.02 7.83
C ASP A 172 -6.33 3.59 7.33
N ILE A 173 -7.49 3.00 6.98
CA ILE A 173 -7.53 1.57 6.65
C ILE A 173 -8.37 1.42 5.42
N ASN A 174 -7.81 0.72 4.44
CA ASN A 174 -8.53 0.38 3.22
C ASN A 174 -9.45 -0.80 3.46
N ILE A 175 -10.72 -0.67 3.12
CA ILE A 175 -11.72 -1.72 3.41
C ILE A 175 -12.11 -2.39 2.06
N VAL A 176 -11.90 -3.69 1.99
CA VAL A 176 -12.05 -4.46 0.79
C VAL A 176 -13.15 -5.51 1.03
N GLY A 177 -14.06 -5.62 0.07
CA GLY A 177 -15.09 -6.65 0.06
C GLY A 177 -14.78 -7.74 -0.91
N VAL A 178 -15.07 -8.99 -0.47
CA VAL A 178 -14.78 -10.15 -1.25
C VAL A 178 -16.08 -10.93 -1.52
N PRO A 179 -16.32 -11.31 -2.75
CA PRO A 179 -17.63 -11.99 -3.06
C PRO A 179 -17.84 -13.31 -2.33
N THR A 180 -19.12 -13.61 -2.14
CA THR A 180 -19.56 -14.78 -1.47
C THR A 180 -19.14 -16.03 -2.21
N VAL A 181 -18.65 -17.01 -1.45
CA VAL A 181 -18.31 -18.33 -2.00
C VAL A 181 -19.45 -19.22 -1.67
N ARG A 182 -19.80 -20.07 -2.63
CA ARG A 182 -20.97 -20.93 -2.48
C ARG A 182 -20.59 -22.42 -2.63
N ALA A 183 -21.37 -23.28 -1.97
CA ALA A 183 -21.36 -24.73 -2.24
C ALA A 183 -21.71 -25.00 -3.70
N LYS A 184 -21.38 -26.19 -4.19
CA LYS A 184 -21.69 -26.53 -5.56
C LYS A 184 -23.18 -26.37 -5.87
N ASP A 185 -24.03 -26.57 -4.88
CA ASP A 185 -25.48 -26.47 -5.04
C ASP A 185 -26.05 -25.06 -4.89
N GLY A 186 -25.17 -24.09 -4.63
CA GLY A 186 -25.52 -22.67 -4.63
C GLY A 186 -25.63 -22.09 -3.24
N LEU A 187 -25.64 -22.89 -2.21
CA LEU A 187 -25.82 -22.39 -0.86
C LEU A 187 -24.60 -21.56 -0.45
N ALA A 188 -24.86 -20.36 0.05
CA ALA A 188 -23.76 -19.49 0.53
C ALA A 188 -23.10 -20.19 1.71
N LEU A 189 -21.77 -20.28 1.64
CA LEU A 189 -21.03 -20.91 2.77
C LEU A 189 -21.15 -20.03 4.01
N SER A 190 -21.32 -20.68 5.14
CA SER A 190 -21.50 -20.05 6.43
C SER A 190 -21.31 -21.05 7.52
N SER A 191 -20.65 -20.62 8.59
CA SER A 191 -20.59 -21.43 9.80
C SER A 191 -21.97 -21.82 10.33
N ARG A 192 -22.98 -20.98 10.07
CA ARG A 192 -24.35 -21.26 10.51
CA ARG A 192 -24.30 -21.33 10.60
C ARG A 192 -25.00 -22.45 9.81
N ASN A 193 -24.46 -22.84 8.67
CA ASN A 193 -25.02 -23.96 7.93
C ASN A 193 -24.93 -25.28 8.73
N GLY A 194 -24.00 -25.31 9.67
CA GLY A 194 -23.81 -26.48 10.53
C GLY A 194 -24.99 -26.77 11.42
N TYR A 195 -25.82 -25.77 11.67
CA TYR A 195 -27.05 -25.81 12.50
CA TYR A 195 -26.96 -26.04 12.56
C TYR A 195 -28.18 -26.60 11.81
N LEU A 196 -28.04 -26.81 10.51
CA LEU A 196 -29.05 -27.49 9.71
C LEU A 196 -29.00 -28.98 9.93
N THR A 197 -30.17 -29.62 9.92
CA THR A 197 -30.23 -31.06 9.76
C THR A 197 -29.89 -31.48 8.36
N GLU A 198 -29.58 -32.76 8.18
CA GLU A 198 -29.29 -33.31 6.85
CA GLU A 198 -29.29 -33.30 6.85
C GLU A 198 -30.43 -32.99 5.84
N GLU A 199 -31.66 -33.16 6.28
CA GLU A 199 -32.87 -32.92 5.49
CA GLU A 199 -32.83 -32.93 5.41
C GLU A 199 -32.95 -31.45 5.10
N GLU A 200 -32.75 -30.61 6.10
CA GLU A 200 -32.77 -29.16 5.88
C GLU A 200 -31.67 -28.70 4.96
N ARG A 201 -30.49 -29.33 5.05
CA ARG A 201 -29.42 -28.96 4.16
C ARG A 201 -29.78 -29.16 2.71
N GLN A 202 -30.67 -30.12 2.39
CA GLN A 202 -31.09 -30.28 1.01
C GLN A 202 -32.15 -29.23 0.59
N ILE A 203 -32.83 -28.61 1.54
CA ILE A 203 -33.79 -27.49 1.30
C ILE A 203 -33.05 -26.14 1.13
N ALA A 204 -31.95 -25.98 1.88
CA ALA A 204 -31.23 -24.72 1.99
C ALA A 204 -30.84 -24.05 0.66
N PRO A 205 -30.44 -24.80 -0.39
CA PRO A 205 -30.19 -24.17 -1.68
C PRO A 205 -31.36 -23.37 -2.31
N GLN A 206 -32.59 -23.64 -1.89
CA GLN A 206 -33.74 -22.98 -2.42
C GLN A 206 -33.69 -21.50 -2.15
N LEU A 207 -33.03 -21.08 -1.06
CA LEU A 207 -32.93 -19.65 -0.79
C LEU A 207 -32.24 -18.93 -1.95
N SER A 208 -31.09 -19.43 -2.37
CA SER A 208 -30.41 -18.86 -3.51
C SER A 208 -31.20 -18.92 -4.80
N LYS A 209 -31.89 -20.03 -4.99
CA LYS A 209 -32.69 -20.20 -6.21
C LYS A 209 -33.80 -19.15 -6.26
N ILE A 210 -34.47 -18.94 -5.15
CA ILE A 210 -35.56 -17.94 -5.10
C ILE A 210 -35.03 -16.51 -5.29
N MET A 211 -33.89 -16.22 -4.67
CA MET A 211 -33.23 -14.92 -4.79
C MET A 211 -32.86 -14.68 -6.26
N TRP A 212 -32.31 -15.69 -6.91
CA TRP A 212 -31.86 -15.58 -8.31
C TRP A 212 -33.04 -15.44 -9.30
N ALA A 213 -34.15 -16.10 -8.99
CA ALA A 213 -35.36 -15.97 -9.78
C ALA A 213 -35.89 -14.53 -9.69
N LEU A 214 -35.77 -13.93 -8.50
CA LEU A 214 -36.16 -12.54 -8.32
C LEU A 214 -35.23 -11.66 -9.15
N ALA A 215 -33.91 -11.88 -9.03
CA ALA A 215 -32.93 -11.14 -9.78
C ALA A 215 -33.18 -11.22 -11.27
N GLU A 216 -33.60 -12.40 -11.78
CA GLU A 216 -33.94 -12.54 -13.19
C GLU A 216 -35.15 -11.69 -13.60
N LYS A 217 -36.16 -11.62 -12.76
CA LYS A 217 -37.34 -10.78 -13.06
C LYS A 217 -36.89 -9.32 -13.13
N MET A 218 -36.02 -8.89 -12.21
CA MET A 218 -35.49 -7.52 -12.26
C MET A 218 -34.59 -7.29 -13.50
N ALA A 219 -33.86 -8.31 -13.95
CA ALA A 219 -33.06 -8.19 -15.18
C ALA A 219 -33.99 -7.94 -16.36
N LEU A 220 -35.19 -8.50 -16.32
CA LEU A 220 -36.20 -8.30 -17.37
C LEU A 220 -37.00 -7.00 -17.24
N GLY A 221 -36.72 -6.20 -16.21
CA GLY A 221 -37.33 -4.87 -16.04
C GLY A 221 -38.32 -4.71 -14.90
N GLU A 222 -38.59 -5.77 -14.13
CA GLU A 222 -39.57 -5.68 -13.04
C GLU A 222 -39.00 -4.81 -11.97
N ARG A 223 -39.85 -3.91 -11.47
CA ARG A 223 -39.47 -2.94 -10.46
C ARG A 223 -40.49 -2.76 -9.34
N GLN A 224 -41.54 -3.58 -9.29
CA GLN A 224 -42.53 -3.50 -8.21
C GLN A 224 -42.02 -4.28 -7.01
N ILE A 225 -41.26 -3.59 -6.16
CA ILE A 225 -40.44 -4.25 -5.12
C ILE A 225 -41.33 -5.01 -4.12
N ASP A 226 -42.38 -4.41 -3.61
CA ASP A 226 -43.16 -5.11 -2.59
C ASP A 226 -43.78 -6.39 -3.18
N ALA A 227 -44.21 -6.35 -4.45
CA ALA A 227 -44.82 -7.54 -5.07
C ALA A 227 -43.75 -8.63 -5.30
N LEU A 228 -42.57 -8.21 -5.76
CA LEU A 228 -41.43 -9.12 -5.93
C LEU A 228 -41.06 -9.81 -4.64
N LEU A 229 -40.95 -9.03 -3.57
CA LEU A 229 -40.62 -9.60 -2.28
C LEU A 229 -41.71 -10.47 -1.65
N GLU A 230 -42.98 -10.09 -1.80
CA GLU A 230 -44.09 -10.92 -1.33
CA GLU A 230 -44.06 -10.93 -1.29
C GLU A 230 -44.05 -12.29 -2.00
N GLU A 231 -43.72 -12.31 -3.28
CA GLU A 231 -43.64 -13.55 -4.00
C GLU A 231 -42.48 -14.40 -3.51
N ALA A 232 -41.33 -13.75 -3.28
CA ALA A 232 -40.15 -14.51 -2.77
C ALA A 232 -40.49 -15.10 -1.42
N ALA A 233 -41.13 -14.32 -0.56
CA ALA A 233 -41.55 -14.79 0.78
C ALA A 233 -42.48 -15.95 0.67
N ALA A 234 -43.47 -15.84 -0.20
CA ALA A 234 -44.38 -17.00 -0.50
C ALA A 234 -43.65 -18.27 -0.92
N GLN A 235 -42.71 -18.14 -1.85
CA GLN A 235 -41.91 -19.29 -2.28
C GLN A 235 -41.00 -19.89 -1.18
N LEU A 236 -40.44 -19.04 -0.32
CA LEU A 236 -39.67 -19.54 0.82
C LEU A 236 -40.56 -20.32 1.77
N LEU A 237 -41.73 -19.79 2.09
CA LEU A 237 -42.67 -20.48 2.96
C LEU A 237 -43.06 -21.83 2.37
N ARG A 238 -43.23 -21.83 1.06
CA ARG A 238 -43.70 -23.05 0.35
C ARG A 238 -42.74 -24.24 0.56
N VAL A 239 -41.43 -23.96 0.52
CA VAL A 239 -40.43 -25.02 0.64
C VAL A 239 -39.93 -25.27 2.04
N GLY A 240 -40.42 -24.53 3.02
CA GLY A 240 -40.16 -24.84 4.41
C GLY A 240 -39.29 -23.89 5.19
N PHE A 241 -39.03 -22.72 4.63
CA PHE A 241 -38.37 -21.64 5.37
C PHE A 241 -39.42 -20.80 6.11
N THR A 242 -38.97 -20.02 7.09
CA THR A 242 -39.76 -18.91 7.59
C THR A 242 -38.98 -17.63 7.29
N PRO A 243 -39.40 -16.86 6.30
CA PRO A 243 -38.72 -15.62 6.00
C PRO A 243 -38.70 -14.65 7.15
N ASP A 244 -37.57 -13.94 7.26
CA ASP A 244 -37.49 -12.75 8.08
C ASP A 244 -37.79 -11.62 7.06
N GLU A 245 -37.49 -10.38 7.42
CA GLU A 245 -37.83 -9.25 6.58
CA GLU A 245 -37.83 -9.27 6.59
C GLU A 245 -36.85 -9.27 5.41
N LEU A 246 -37.39 -9.13 4.22
CA LEU A 246 -36.65 -9.13 2.94
C LEU A 246 -36.63 -7.70 2.40
N PHE A 247 -35.59 -7.35 1.64
CA PHE A 247 -35.41 -5.98 1.15
C PHE A 247 -34.79 -5.98 -0.22
N ILE A 248 -35.14 -4.97 -1.00
CA ILE A 248 -34.41 -4.64 -2.21
C ILE A 248 -34.07 -3.15 -2.19
N ARG A 249 -32.78 -2.83 -2.17
CA ARG A 249 -32.31 -1.46 -1.92
C ARG A 249 -31.25 -1.05 -2.94
N ASP A 250 -30.94 0.23 -2.96
CA ASP A 250 -29.85 0.72 -3.74
C ASP A 250 -28.55 0.12 -3.18
N ALA A 251 -27.72 -0.42 -4.07
CA ALA A 251 -26.55 -1.21 -3.66
C ALA A 251 -25.51 -0.33 -3.00
N GLU A 252 -25.51 0.96 -3.34
CA GLU A 252 -24.52 1.88 -2.77
C GLU A 252 -24.92 2.46 -1.40
N THR A 253 -26.16 2.92 -1.30
CA THR A 253 -26.61 3.64 -0.14
C THR A 253 -27.48 2.85 0.82
N LEU A 254 -28.01 1.73 0.34
CA LEU A 254 -28.97 0.90 1.08
C LEU A 254 -30.34 1.56 1.33
N GLN A 255 -30.58 2.68 0.65
CA GLN A 255 -31.84 3.35 0.68
C GLN A 255 -32.78 2.76 -0.38
N PRO A 256 -34.09 3.10 -0.28
CA PRO A 256 -34.99 2.64 -1.34
C PRO A 256 -34.50 3.06 -2.71
N LEU A 257 -34.80 2.24 -3.70
CA LEU A 257 -34.41 2.54 -5.08
C LEU A 257 -35.07 3.82 -5.55
N THR A 258 -34.32 4.56 -6.34
CA THR A 258 -34.86 5.77 -6.97
C THR A 258 -34.52 5.72 -8.43
N VAL A 259 -34.99 6.70 -9.20
CA VAL A 259 -34.65 6.78 -10.61
C VAL A 259 -33.16 6.81 -10.85
N ASP A 260 -32.40 7.40 -9.92
CA ASP A 260 -30.92 7.47 -10.04
C ASP A 260 -30.17 6.18 -9.73
N SER A 261 -30.86 5.16 -9.20
CA SER A 261 -30.17 3.93 -8.80
C SER A 261 -29.66 3.20 -10.04
N GLN A 262 -28.42 2.74 -10.00
CA GLN A 262 -27.85 1.92 -11.09
C GLN A 262 -27.66 0.45 -10.74
N GLN A 263 -27.64 0.13 -9.47
CA GLN A 263 -27.43 -1.22 -9.03
C GLN A 263 -28.28 -1.40 -7.76
N ALA A 264 -29.02 -2.50 -7.72
CA ALA A 264 -29.80 -2.89 -6.58
C ALA A 264 -29.08 -4.02 -5.87
N VAL A 265 -29.40 -4.18 -4.62
CA VAL A 265 -29.00 -5.35 -3.85
C VAL A 265 -30.29 -5.96 -3.27
N ILE A 266 -30.44 -7.25 -3.53
CA ILE A 266 -31.47 -8.06 -2.89
C ILE A 266 -30.91 -8.62 -1.62
N LEU A 267 -31.58 -8.37 -0.51
CA LEU A 267 -31.13 -8.76 0.82
C LEU A 267 -32.14 -9.75 1.39
N MET A 268 -31.69 -11.00 1.50
CA MET A 268 -32.51 -12.10 1.96
C MET A 268 -32.13 -12.58 3.34
N ALA A 269 -33.12 -12.98 4.13
CA ALA A 269 -32.90 -13.59 5.44
C ALA A 269 -34.06 -14.51 5.70
N ALA A 270 -33.79 -15.71 6.23
CA ALA A 270 -34.85 -16.69 6.43
C ALA A 270 -34.38 -17.78 7.38
N TRP A 271 -35.29 -18.23 8.25
CA TRP A 271 -35.05 -19.34 9.16
C TRP A 271 -35.33 -20.65 8.46
N LEU A 272 -34.43 -21.62 8.67
CA LEU A 272 -34.63 -23.00 8.27
C LEU A 272 -34.25 -23.85 9.46
N GLY A 273 -35.26 -24.44 10.08
CA GLY A 273 -35.06 -25.01 11.38
C GLY A 273 -34.47 -24.04 12.37
N LYS A 274 -33.36 -24.44 13.00
CA LYS A 274 -32.72 -23.62 14.03
C LYS A 274 -31.74 -22.56 13.50
N ALA A 275 -31.50 -22.58 12.19
CA ALA A 275 -30.56 -21.69 11.52
C ALA A 275 -31.26 -20.44 10.95
N ARG A 276 -30.67 -19.28 11.12
CA ARG A 276 -31.13 -18.10 10.40
C ARG A 276 -30.11 -17.76 9.34
N LEU A 277 -30.49 -17.99 8.08
CA LEU A 277 -29.62 -17.91 6.92
C LEU A 277 -29.82 -16.57 6.21
N ILE A 278 -28.73 -16.00 5.71
CA ILE A 278 -28.81 -14.80 4.88
C ILE A 278 -28.12 -15.01 3.54
N ASP A 279 -28.49 -14.16 2.57
CA ASP A 279 -27.88 -14.16 1.26
C ASP A 279 -28.21 -12.85 0.63
N ASN A 280 -27.53 -12.52 -0.45
CA ASN A 280 -27.80 -11.31 -1.18
C ASN A 280 -27.32 -11.47 -2.59
N GLN A 281 -27.82 -10.58 -3.44
CA GLN A 281 -27.43 -10.58 -4.84
C GLN A 281 -27.53 -9.17 -5.42
N LEU A 282 -26.45 -8.77 -6.08
CA LEU A 282 -26.45 -7.53 -6.82
C LEU A 282 -27.14 -7.69 -8.15
N VAL A 283 -27.86 -6.64 -8.55
CA VAL A 283 -28.63 -6.58 -9.79
C VAL A 283 -28.32 -5.29 -10.49
N ASP A 284 -27.76 -5.44 -11.67
CA ASP A 284 -27.46 -4.32 -12.52
C ASP A 284 -28.75 -3.82 -13.12
N LEU A 285 -29.08 -2.54 -12.86
CA LEU A 285 -30.37 -1.96 -13.24
C LEU A 285 -30.27 -1.28 -14.56
N ARG A 286 -29.06 -1.27 -15.10
CA ARG A 286 -28.84 -0.48 -16.32
C ARG A 286 -29.23 -1.24 -17.55
N HIS A 287 -29.78 -0.52 -18.53
CA HIS A 287 -30.05 -1.12 -19.82
CA HIS A 287 -30.14 -1.10 -19.81
C HIS A 287 -30.19 -0.01 -20.87
N ASN B 2 13.18 22.26 13.81
CA ASN B 2 12.40 22.57 12.58
C ASN B 2 11.25 23.47 12.99
N ALA B 3 10.80 24.29 12.04
CA ALA B 3 9.65 25.16 12.24
C ALA B 3 8.42 24.33 12.54
N MET B 4 7.59 24.84 13.43
CA MET B 4 6.32 24.19 13.76
C MET B 4 5.39 24.15 12.55
N LEU B 5 4.83 22.98 12.28
CA LEU B 5 3.86 22.82 11.18
C LEU B 5 2.48 23.16 11.71
N ILE B 6 1.69 23.81 10.87
CA ILE B 6 0.26 24.10 11.19
C ILE B 6 -0.58 23.51 10.05
N ILE B 7 -1.46 22.57 10.38
CA ILE B 7 -2.22 21.84 9.37
C ILE B 7 -3.69 21.96 9.70
N GLU B 8 -4.50 22.31 8.68
CA GLU B 8 -5.92 22.39 8.86
C GLU B 8 -6.68 21.26 8.19
N THR B 9 -6.11 20.65 7.16
CA THR B 9 -6.88 19.63 6.44
C THR B 9 -6.51 18.18 6.79
N LEU B 10 -7.48 17.29 6.61
CA LEU B 10 -7.29 15.88 6.92
CA LEU B 10 -7.28 15.89 6.94
C LEU B 10 -6.27 15.21 5.99
N PRO B 11 -6.32 15.49 4.68
CA PRO B 11 -5.30 14.92 3.80
C PRO B 11 -3.87 15.30 4.11
N LEU B 12 -3.63 16.57 4.43
CA LEU B 12 -2.26 16.96 4.81
C LEU B 12 -1.81 16.39 6.15
N LEU B 13 -2.74 16.24 7.10
CA LEU B 13 -2.44 15.59 8.34
C LEU B 13 -2.02 14.16 8.06
N ARG B 14 -2.82 13.46 7.26
CA ARG B 14 -2.55 12.08 6.95
C ARG B 14 -1.16 11.88 6.38
N GLN B 15 -0.80 12.72 5.42
CA GLN B 15 0.55 12.67 4.83
C GLN B 15 1.65 12.71 5.89
N GLN B 16 1.50 13.64 6.83
CA GLN B 16 2.53 13.82 7.80
C GLN B 16 2.60 12.70 8.80
N ILE B 17 1.46 12.28 9.33
CA ILE B 17 1.44 11.21 10.30
C ILE B 17 2.00 9.93 9.70
N ARG B 18 1.64 9.65 8.45
CA ARG B 18 2.18 8.47 7.77
C ARG B 18 3.73 8.56 7.69
N ARG B 19 4.25 9.74 7.38
CA ARG B 19 5.69 9.91 7.28
C ARG B 19 6.36 9.62 8.61
N TRP B 20 5.84 10.18 9.72
CA TRP B 20 6.44 9.94 10.99
C TRP B 20 6.34 8.48 11.41
N ARG B 21 5.23 7.85 11.12
CA ARG B 21 5.03 6.44 11.48
C ARG B 21 6.01 5.57 10.69
N GLN B 22 6.21 5.89 9.42
CA GLN B 22 7.17 5.15 8.58
C GLN B 22 8.61 5.35 8.99
N GLU B 23 8.91 6.54 9.50
CA GLU B 23 10.22 6.87 10.04
C GLU B 23 10.45 6.26 11.44
N GLY B 24 9.43 5.75 12.13
CA GLY B 24 9.62 5.16 13.46
C GLY B 24 9.65 6.15 14.61
N LYS B 25 9.13 7.36 14.34
CA LYS B 25 9.07 8.40 15.37
C LYS B 25 8.00 8.06 16.40
N ARG B 26 8.30 8.26 17.66
CA ARG B 26 7.30 8.13 18.72
C ARG B 26 6.53 9.44 18.74
N ILE B 27 5.21 9.34 18.73
CA ILE B 27 4.33 10.51 18.60
C ILE B 27 3.57 10.72 19.90
N ALA B 28 3.53 11.97 20.41
CA ALA B 28 2.71 12.35 21.56
C ALA B 28 1.59 13.24 21.01
N LEU B 29 0.45 13.17 21.67
CA LEU B 29 -0.73 13.99 21.35
C LEU B 29 -1.21 14.73 22.54
N VAL B 30 -1.43 16.03 22.39
CA VAL B 30 -2.06 16.86 23.43
C VAL B 30 -3.36 17.45 22.83
N PRO B 31 -4.52 16.85 23.18
CA PRO B 31 -5.76 17.41 22.63
C PRO B 31 -6.19 18.64 23.38
N THR B 32 -6.60 19.68 22.63
CA THR B 32 -7.14 20.89 23.26
C THR B 32 -8.28 21.48 22.44
N MET B 33 -8.97 22.41 23.06
CA MET B 33 -9.95 23.25 22.33
C MET B 33 -9.52 24.68 22.16
N GLY B 34 -8.21 24.89 22.18
CA GLY B 34 -7.67 26.24 22.04
C GLY B 34 -7.89 27.11 23.25
N ASN B 35 -7.67 28.39 23.03
CA ASN B 35 -7.68 29.40 24.12
C ASN B 35 -6.72 28.98 25.23
N LEU B 36 -5.48 28.79 24.83
CA LEU B 36 -4.54 28.08 25.68
C LEU B 36 -3.89 28.97 26.71
N HIS B 37 -3.61 28.40 27.85
CA HIS B 37 -2.87 29.05 28.94
C HIS B 37 -1.71 28.18 29.43
N GLU B 38 -1.08 28.60 30.54
CA GLU B 38 0.14 27.94 30.97
C GLU B 38 -0.07 26.50 31.44
N GLY B 39 -1.27 26.17 31.85
CA GLY B 39 -1.61 24.78 32.12
C GLY B 39 -1.49 23.91 30.91
N HIS B 40 -2.02 24.40 29.79
CA HIS B 40 -1.92 23.64 28.56
C HIS B 40 -0.46 23.49 28.19
N MET B 41 0.34 24.51 28.46
CA MET B 41 1.73 24.45 28.06
C MET B 41 2.50 23.38 28.86
N THR B 42 2.09 23.13 30.11
CA THR B 42 2.74 22.03 30.86
C THR B 42 2.42 20.66 30.29
N LEU B 43 1.26 20.53 29.62
CA LEU B 43 0.92 19.30 28.90
C LEU B 43 1.90 19.09 27.77
N VAL B 44 2.17 20.15 27.03
CA VAL B 44 3.10 20.07 25.90
C VAL B 44 4.52 19.77 26.44
N ASP B 45 4.92 20.44 27.54
CA ASP B 45 6.23 20.16 28.12
C ASP B 45 6.36 18.68 28.48
N GLU B 46 5.33 18.11 29.12
CA GLU B 46 5.38 16.71 29.53
CA GLU B 46 5.40 16.70 29.52
C GLU B 46 5.44 15.81 28.29
N ALA B 47 4.65 16.14 27.27
CA ALA B 47 4.66 15.33 26.04
C ALA B 47 6.05 15.27 25.38
N LYS B 48 6.73 16.42 25.42
CA LYS B 48 8.03 16.54 24.82
C LYS B 48 9.05 15.58 25.42
N THR B 49 8.91 15.28 26.69
CA THR B 49 9.86 14.37 27.34
C THR B 49 9.58 12.90 27.06
N ARG B 50 8.45 12.63 26.40
CA ARG B 50 7.93 11.26 26.25
C ARG B 50 7.83 10.76 24.83
N ALA B 51 8.23 11.60 23.89
CA ALA B 51 8.12 11.27 22.49
C ALA B 51 9.09 12.07 21.66
N ASP B 52 9.26 11.64 20.41
CA ASP B 52 10.08 12.33 19.43
C ASP B 52 9.42 13.58 18.85
N VAL B 53 8.11 13.49 18.59
CA VAL B 53 7.37 14.59 17.99
C VAL B 53 6.10 14.78 18.80
N VAL B 54 5.66 16.02 18.91
CA VAL B 54 4.48 16.35 19.70
C VAL B 54 3.46 17.05 18.82
N VAL B 55 2.28 16.47 18.77
CA VAL B 55 1.13 16.99 18.01
C VAL B 55 0.17 17.57 18.99
N VAL B 56 -0.26 18.81 18.74
CA VAL B 56 -1.26 19.44 19.58
C VAL B 56 -2.47 19.76 18.69
N THR B 57 -3.65 19.34 19.13
CA THR B 57 -4.85 19.63 18.36
C THR B 57 -5.55 20.84 19.00
N ILE B 58 -6.11 21.66 18.16
CA ILE B 58 -6.98 22.76 18.59
C ILE B 58 -8.28 22.56 17.82
N PHE B 59 -9.29 22.16 18.54
CA PHE B 59 -10.60 21.87 17.95
C PHE B 59 -11.69 22.03 18.98
N VAL B 60 -12.54 23.04 18.78
CA VAL B 60 -13.72 23.22 19.61
C VAL B 60 -14.76 22.22 19.09
N ASN B 61 -15.02 21.21 19.90
CA ASN B 61 -15.72 20.00 19.44
C ASN B 61 -17.22 20.12 19.61
N PRO B 62 -17.98 20.34 18.49
CA PRO B 62 -19.42 20.56 18.71
C PRO B 62 -20.17 19.38 19.30
N LEU B 63 -19.62 18.18 19.18
CA LEU B 63 -20.34 16.99 19.63
C LEU B 63 -20.44 16.92 21.14
N GLN B 64 -19.61 17.68 21.85
CA GLN B 64 -19.64 17.71 23.29
C GLN B 64 -20.34 18.91 23.91
N PHE B 65 -20.92 19.76 23.08
CA PHE B 65 -21.68 20.90 23.54
C PHE B 65 -23.17 20.56 23.39
N GLU B 66 -23.78 20.21 24.49
CA GLU B 66 -25.23 20.00 24.47
C GLU B 66 -26.11 21.28 24.28
N ARG B 67 -25.59 22.50 24.54
CA ARG B 67 -26.25 23.72 24.05
C ARG B 67 -25.49 24.21 22.83
N PRO B 68 -26.12 24.09 21.65
CA PRO B 68 -25.36 24.37 20.48
C PRO B 68 -24.82 25.82 20.42
N ASP B 69 -25.51 26.78 21.03
CA ASP B 69 -25.03 28.15 21.05
C ASP B 69 -23.74 28.35 21.82
N ASP B 70 -23.44 27.48 22.79
CA ASP B 70 -22.21 27.61 23.57
C ASP B 70 -21.01 27.51 22.64
N LEU B 71 -21.15 26.87 21.47
CA LEU B 71 -20.08 26.81 20.48
C LEU B 71 -19.77 28.19 20.00
N ALA B 72 -20.82 28.98 19.76
CA ALA B 72 -20.70 30.27 19.16
C ALA B 72 -19.84 31.16 20.09
N HIS B 73 -19.97 30.93 21.38
CA HIS B 73 -19.30 31.77 22.37
C HIS B 73 -17.95 31.26 22.92
N TYR B 74 -17.46 30.12 22.44
CA TYR B 74 -16.16 29.58 22.88
C TYR B 74 -15.04 30.42 22.26
N PRO B 75 -14.07 30.87 23.06
CA PRO B 75 -13.09 31.80 22.50
C PRO B 75 -12.19 31.14 21.47
N ARG B 76 -11.98 31.86 20.38
CA ARG B 76 -11.10 31.43 19.31
CA ARG B 76 -11.09 31.43 19.30
C ARG B 76 -9.91 32.38 19.21
N THR B 77 -8.70 31.84 19.43
CA THR B 77 -7.50 32.64 19.56
C THR B 77 -6.33 31.86 18.95
N LEU B 78 -6.45 31.54 17.67
CA LEU B 78 -5.50 30.63 17.03
C LEU B 78 -4.09 31.18 17.01
N GLN B 79 -3.96 32.45 16.63
CA GLN B 79 -2.64 33.05 16.52
C GLN B 79 -1.93 33.06 17.85
N GLU B 80 -2.62 33.46 18.92
CA GLU B 80 -2.08 33.48 20.27
CA GLU B 80 -1.95 33.46 20.22
C GLU B 80 -1.70 32.05 20.73
N ASP B 81 -2.58 31.09 20.40
CA ASP B 81 -2.32 29.72 20.78
C ASP B 81 -1.04 29.23 20.08
N CYS B 82 -0.90 29.52 18.80
CA CYS B 82 0.28 29.08 18.07
C CYS B 82 1.59 29.73 18.54
N GLU B 83 1.52 31.01 18.92
CA GLU B 83 2.65 31.70 19.54
CA GLU B 83 2.70 31.66 19.47
C GLU B 83 3.19 30.92 20.73
N LYS B 84 2.28 30.47 21.61
CA LYS B 84 2.64 29.78 22.78
C LYS B 84 3.20 28.42 22.43
N LEU B 85 2.52 27.71 21.52
CA LEU B 85 2.95 26.37 21.16
C LEU B 85 4.32 26.29 20.49
N THR B 86 4.63 27.28 19.66
CA THR B 86 5.93 27.24 19.02
C THR B 86 7.04 27.36 20.10
N ARG B 87 6.80 28.20 21.07
CA ARG B 87 7.73 28.46 22.19
C ARG B 87 7.96 27.24 23.11
N HIS B 88 6.96 26.35 23.17
CA HIS B 88 7.06 25.13 23.96
C HIS B 88 7.42 23.91 23.17
N GLY B 89 7.77 24.11 21.91
CA GLY B 89 8.37 23.04 21.13
C GLY B 89 7.40 22.08 20.46
N ALA B 90 6.13 22.49 20.28
CA ALA B 90 5.17 21.61 19.52
C ALA B 90 5.68 21.43 18.11
N ASP B 91 5.55 20.22 17.60
CA ASP B 91 6.02 19.97 16.24
C ASP B 91 4.92 20.23 15.16
N LEU B 92 3.69 19.96 15.56
CA LEU B 92 2.51 20.07 14.66
C LEU B 92 1.32 20.52 15.45
N VAL B 93 0.66 21.54 14.94
CA VAL B 93 -0.66 21.96 15.44
C VAL B 93 -1.67 21.58 14.34
N PHE B 94 -2.66 20.80 14.74
CA PHE B 94 -3.76 20.37 13.86
C PHE B 94 -4.99 21.12 14.32
N ALA B 95 -5.49 21.96 13.41
CA ALA B 95 -6.57 22.93 13.72
C ALA B 95 -7.65 22.87 12.62
N PRO B 96 -8.45 21.79 12.65
CA PRO B 96 -9.44 21.56 11.60
C PRO B 96 -10.74 22.34 11.76
N ALA B 97 -11.47 22.45 10.65
CA ALA B 97 -12.85 22.96 10.64
C ALA B 97 -13.78 21.83 11.06
N ALA B 98 -14.78 22.18 11.87
CA ALA B 98 -15.83 21.25 12.26
C ALA B 98 -16.48 20.56 11.08
N ALA B 99 -16.64 21.27 9.95
CA ALA B 99 -17.19 20.62 8.74
C ALA B 99 -16.35 19.47 8.20
N ASP B 100 -15.04 19.54 8.41
CA ASP B 100 -14.14 18.51 7.94
C ASP B 100 -14.07 17.33 8.91
N ILE B 101 -14.32 17.58 10.18
CA ILE B 101 -14.30 16.51 11.20
C ILE B 101 -15.64 15.76 11.25
N TYR B 102 -16.77 16.49 11.10
CA TYR B 102 -18.08 15.89 11.12
C TYR B 102 -18.89 16.22 9.84
N PRO B 103 -18.39 15.80 8.69
CA PRO B 103 -19.09 16.18 7.41
C PRO B 103 -20.51 15.60 7.28
N ALA B 104 -20.78 14.53 8.02
CA ALA B 104 -22.12 13.89 8.02
C ALA B 104 -23.01 14.38 9.10
N GLY B 105 -22.58 15.46 9.76
CA GLY B 105 -23.39 16.02 10.83
C GLY B 105 -23.17 15.34 12.15
N LEU B 106 -23.87 15.79 13.17
CA LEU B 106 -23.68 15.30 14.53
C LEU B 106 -24.61 14.19 14.91
N GLU B 107 -25.83 14.20 14.39
CA GLU B 107 -26.82 13.24 14.85
C GLU B 107 -26.48 11.81 14.38
N LYS B 108 -25.95 11.66 13.20
CA LYS B 108 -25.66 10.32 12.66
C LYS B 108 -24.16 10.02 12.61
N GLN B 109 -23.36 10.83 13.30
CA GLN B 109 -21.93 10.53 13.44
C GLN B 109 -21.70 9.30 14.29
N THR B 110 -20.86 8.38 13.81
CA THR B 110 -20.44 7.22 14.60
C THR B 110 -19.88 7.68 15.93
N TYR B 111 -20.22 7.04 17.04
CA TYR B 111 -19.78 7.53 18.33
C TYR B 111 -19.24 6.37 19.19
N VAL B 112 -18.48 6.78 20.20
CA VAL B 112 -17.92 5.89 21.21
C VAL B 112 -18.46 6.32 22.53
N ASP B 113 -19.03 5.36 23.28
CA ASP B 113 -19.53 5.68 24.58
CA ASP B 113 -19.66 5.59 24.58
C ASP B 113 -18.98 4.76 25.64
N VAL B 114 -18.61 5.37 26.76
CA VAL B 114 -18.03 4.65 27.92
C VAL B 114 -19.10 4.56 28.99
N PRO B 115 -19.70 3.40 29.17
CA PRO B 115 -20.74 3.24 30.21
C PRO B 115 -20.32 3.66 31.60
N ALA B 116 -21.29 4.26 32.29
CA ALA B 116 -21.24 4.59 33.71
C ALA B 116 -20.43 5.89 33.89
N LEU B 117 -19.16 5.91 33.49
CA LEU B 117 -18.34 7.10 33.60
C LEU B 117 -18.90 8.26 32.83
N SER B 118 -19.65 8.02 31.75
CA SER B 118 -20.26 9.11 30.99
C SER B 118 -21.52 9.73 31.57
N THR B 119 -22.16 9.04 32.52
CA THR B 119 -23.51 9.44 32.96
C THR B 119 -23.64 9.74 34.45
N ILE B 120 -22.62 9.41 35.24
CA ILE B 120 -22.55 9.78 36.63
C ILE B 120 -21.84 11.12 36.83
N LEU B 121 -22.00 11.67 38.01
CA LEU B 121 -21.38 12.97 38.39
C LEU B 121 -21.60 14.08 37.35
N GLU B 122 -20.52 14.61 36.75
CA GLU B 122 -20.65 15.74 35.82
CA GLU B 122 -20.61 15.71 35.81
C GLU B 122 -21.49 15.33 34.60
N GLY B 123 -21.52 14.04 34.26
CA GLY B 123 -22.31 13.55 33.13
C GLY B 123 -23.82 13.52 33.36
N ALA B 124 -24.23 13.54 34.62
CA ALA B 124 -25.64 13.32 34.99
C ALA B 124 -26.51 14.47 34.47
N SER B 125 -26.03 15.71 34.57
CA SER B 125 -26.79 16.87 34.07
C SER B 125 -26.39 17.29 32.66
N ARG B 126 -25.56 16.50 32.01
CA ARG B 126 -25.01 16.86 30.70
C ARG B 126 -25.09 15.65 29.76
N PRO B 127 -26.33 15.24 29.41
CA PRO B 127 -26.48 14.11 28.51
C PRO B 127 -25.79 14.39 27.15
N GLY B 128 -24.99 13.42 26.75
CA GLY B 128 -24.25 13.49 25.53
C GLY B 128 -22.88 14.17 25.62
N HIS B 129 -22.58 14.87 26.72
CA HIS B 129 -21.27 15.59 26.79
C HIS B 129 -20.08 14.61 26.70
N PHE B 130 -20.06 13.64 27.58
CA PHE B 130 -18.94 12.71 27.58
C PHE B 130 -18.87 11.78 26.38
N ARG B 131 -20.02 11.43 25.78
CA ARG B 131 -20.00 10.79 24.44
C ARG B 131 -19.23 11.63 23.41
N GLY B 132 -19.43 12.96 23.45
CA GLY B 132 -18.72 13.76 22.52
C GLY B 132 -17.21 13.77 22.77
N VAL B 133 -16.81 13.72 24.03
CA VAL B 133 -15.40 13.65 24.39
C VAL B 133 -14.75 12.35 23.95
N SER B 134 -15.35 11.23 24.33
CA SER B 134 -14.77 9.92 23.94
C SER B 134 -14.76 9.74 22.45
N THR B 135 -15.76 10.30 21.76
CA THR B 135 -15.78 10.19 20.30
C THR B 135 -14.67 10.98 19.66
N ILE B 136 -14.52 12.27 19.98
CA ILE B 136 -13.47 13.05 19.34
C ILE B 136 -12.07 12.51 19.70
N VAL B 137 -11.89 12.12 20.96
CA VAL B 137 -10.56 11.62 21.37
C VAL B 137 -10.23 10.34 20.64
N SER B 138 -11.18 9.39 20.55
CA SER B 138 -11.00 8.21 19.71
CA SER B 138 -11.00 8.21 19.70
C SER B 138 -10.62 8.60 18.28
N LYS B 139 -11.36 9.54 17.68
CA LYS B 139 -11.05 9.93 16.32
C LYS B 139 -9.65 10.49 16.16
N LEU B 140 -9.27 11.37 17.07
CA LEU B 140 -7.93 11.93 17.06
C LEU B 140 -6.86 10.83 17.22
N PHE B 141 -7.10 9.89 18.08
CA PHE B 141 -6.20 8.75 18.21
C PHE B 141 -6.06 7.98 16.91
N ASN B 142 -7.17 7.81 16.17
CA ASN B 142 -7.12 7.11 14.90
C ASN B 142 -6.42 7.92 13.85
N LEU B 143 -6.63 9.25 13.86
CA LEU B 143 -6.00 10.13 12.88
C LEU B 143 -4.50 10.32 13.08
N ILE B 144 -4.07 10.35 14.32
CA ILE B 144 -2.70 10.79 14.70
C ILE B 144 -1.82 9.63 15.17
N GLN B 145 -2.46 8.54 15.60
CA GLN B 145 -1.75 7.32 15.95
CA GLN B 145 -1.79 7.30 16.02
C GLN B 145 -0.63 7.61 16.99
N PRO B 146 -0.96 8.31 18.09
CA PRO B 146 0.09 8.59 19.11
C PRO B 146 0.46 7.39 19.96
N ASP B 147 1.69 7.37 20.47
CA ASP B 147 2.07 6.42 21.48
C ASP B 147 1.75 6.89 22.88
N VAL B 148 1.61 8.21 23.05
CA VAL B 148 1.40 8.83 24.33
C VAL B 148 0.45 9.99 24.13
N ALA B 149 -0.44 10.21 25.08
CA ALA B 149 -1.33 11.36 25.07
C ALA B 149 -1.48 11.95 26.46
N CYS B 150 -1.41 13.29 26.52
CA CYS B 150 -1.40 14.03 27.77
C CYS B 150 -2.71 14.75 27.96
N PHE B 151 -3.29 14.54 29.14
CA PHE B 151 -4.51 15.22 29.61
C PHE B 151 -4.29 15.84 30.99
N GLY B 152 -4.94 16.96 31.24
CA GLY B 152 -4.91 17.57 32.53
C GLY B 152 -5.69 16.83 33.59
N GLU B 153 -5.12 16.71 34.78
CA GLU B 153 -5.88 16.24 35.95
C GLU B 153 -6.99 17.20 36.33
N LYS B 154 -6.88 18.48 35.90
CA LYS B 154 -7.88 19.52 36.18
C LYS B 154 -9.29 19.05 35.84
N ASP B 155 -9.43 18.36 34.71
CA ASP B 155 -10.71 17.83 34.26
C ASP B 155 -10.70 16.31 34.51
N TYR B 156 -11.00 15.95 35.75
CA TYR B 156 -10.62 14.65 36.22
C TYR B 156 -11.53 13.58 35.61
N GLN B 157 -12.84 13.88 35.55
CA GLN B 157 -13.76 12.86 35.00
C GLN B 157 -13.45 12.55 33.56
N GLN B 158 -13.08 13.58 32.81
CA GLN B 158 -12.57 13.40 31.46
C GLN B 158 -11.37 12.43 31.42
N LEU B 159 -10.39 12.68 32.29
CA LEU B 159 -9.21 11.86 32.36
C LEU B 159 -9.57 10.39 32.65
N ALA B 160 -10.43 10.19 33.63
CA ALA B 160 -10.82 8.84 34.03
C ALA B 160 -11.56 8.13 32.84
N LEU B 161 -12.40 8.89 32.14
CA LEU B 161 -13.17 8.42 31.01
C LEU B 161 -12.24 7.94 29.88
N ILE B 162 -11.24 8.71 29.57
CA ILE B 162 -10.33 8.39 28.49
CA ILE B 162 -10.33 8.39 28.49
C ILE B 162 -9.48 7.18 28.86
N ARG B 163 -9.01 7.12 30.11
CA ARG B 163 -8.28 5.95 30.58
CA ARG B 163 -8.28 5.94 30.60
C ARG B 163 -9.10 4.64 30.39
N LYS B 164 -10.37 4.69 30.77
CA LYS B 164 -11.27 3.55 30.62
CA LYS B 164 -11.23 3.52 30.61
C LYS B 164 -11.45 3.19 29.12
N MET B 165 -11.70 4.18 28.30
CA MET B 165 -11.86 3.98 26.86
C MET B 165 -10.65 3.28 26.29
N VAL B 166 -9.45 3.78 26.64
CA VAL B 166 -8.24 3.24 26.15
C VAL B 166 -8.04 1.79 26.56
N ALA B 167 -8.36 1.46 27.81
CA ALA B 167 -8.21 0.10 28.27
C ALA B 167 -9.20 -0.79 27.54
N ASP B 168 -10.42 -0.32 27.41
CA ASP B 168 -11.49 -1.12 26.82
C ASP B 168 -11.36 -1.35 25.33
N MET B 169 -10.87 -0.37 24.62
CA MET B 169 -10.83 -0.37 23.14
C MET B 169 -9.52 -0.76 22.52
N GLY B 170 -8.55 -1.23 23.33
CA GLY B 170 -7.36 -1.79 22.72
C GLY B 170 -6.35 -0.79 22.22
N TYR B 171 -6.44 0.47 22.68
CA TYR B 171 -5.45 1.46 22.24
C TYR B 171 -4.14 1.29 22.97
N ASP B 172 -3.07 1.19 22.22
CA ASP B 172 -1.71 1.08 22.77
C ASP B 172 -1.12 2.46 22.96
N ILE B 173 -1.71 3.14 23.95
CA ILE B 173 -1.39 4.53 24.19
C ILE B 173 -1.23 4.78 25.64
N ASN B 174 -0.11 5.38 26.01
CA ASN B 174 0.10 5.74 27.41
C ASN B 174 -0.65 7.04 27.66
N ILE B 175 -1.61 7.05 28.58
CA ILE B 175 -2.37 8.22 28.91
C ILE B 175 -1.70 8.79 30.15
N VAL B 176 -1.18 9.98 29.99
CA VAL B 176 -0.48 10.70 31.07
C VAL B 176 -1.35 11.83 31.62
N GLY B 177 -1.67 11.74 32.93
CA GLY B 177 -2.39 12.77 33.62
C GLY B 177 -1.39 13.78 34.16
N VAL B 178 -1.58 15.06 33.86
CA VAL B 178 -0.64 16.09 34.27
C VAL B 178 -1.27 16.93 35.36
N PRO B 179 -0.56 17.13 36.50
CA PRO B 179 -1.13 17.98 37.57
C PRO B 179 -1.44 19.39 37.17
N THR B 180 -2.43 19.97 37.81
CA THR B 180 -2.79 21.33 37.47
CA THR B 180 -2.83 21.33 37.51
C THR B 180 -1.72 22.30 37.91
N VAL B 181 -1.51 23.34 37.10
CA VAL B 181 -0.69 24.49 37.49
C VAL B 181 -1.51 25.21 38.52
N ARG B 182 -0.80 25.72 39.54
CA ARG B 182 -1.37 26.52 40.59
C ARG B 182 -0.63 27.85 40.75
N ALA B 183 -1.37 28.89 41.12
CA ALA B 183 -0.78 30.15 41.60
C ALA B 183 0.06 29.90 42.84
N LYS B 184 0.91 30.84 43.24
CA LYS B 184 1.67 30.69 44.48
CA LYS B 184 1.67 30.71 44.47
C LYS B 184 0.76 30.49 45.68
N ASP B 185 -0.42 31.11 45.66
CA ASP B 185 -1.38 30.92 46.76
C ASP B 185 -2.20 29.64 46.70
N GLY B 186 -2.02 28.86 45.65
CA GLY B 186 -2.64 27.53 45.55
C GLY B 186 -3.77 27.43 44.57
N LEU B 187 -4.30 28.56 44.10
CA LEU B 187 -5.46 28.55 43.21
C LEU B 187 -5.14 27.81 41.94
N ALA B 188 -5.95 26.81 41.57
CA ALA B 188 -5.74 26.09 40.31
C ALA B 188 -5.95 26.99 39.10
N LEU B 189 -5.05 26.94 38.11
CA LEU B 189 -5.18 27.75 36.91
C LEU B 189 -6.39 27.34 36.01
N SER B 190 -7.17 28.34 35.61
CA SER B 190 -8.30 28.17 34.70
C SER B 190 -8.65 29.47 33.97
N SER B 191 -9.08 29.36 32.71
CA SER B 191 -9.66 30.52 32.00
CA SER B 191 -9.63 30.53 32.01
C SER B 191 -10.75 31.19 32.86
N ARG B 192 -11.48 30.37 33.62
CA ARG B 192 -12.55 30.87 34.55
C ARG B 192 -12.06 31.95 35.52
N ASN B 193 -10.82 31.83 36.00
CA ASN B 193 -10.27 32.78 36.98
C ASN B 193 -10.37 34.24 36.53
N GLY B 194 -10.35 34.45 35.22
CA GLY B 194 -10.49 35.77 34.64
C GLY B 194 -11.84 36.42 34.97
N TYR B 195 -12.87 35.60 35.23
CA TYR B 195 -14.19 36.13 35.57
CA TYR B 195 -14.21 36.09 35.59
C TYR B 195 -14.29 36.61 37.03
N LEU B 196 -13.22 36.50 37.80
CA LEU B 196 -13.31 36.91 39.22
C LEU B 196 -13.05 38.39 39.39
N THR B 197 -13.76 39.03 40.33
CA THR B 197 -13.40 40.40 40.74
C THR B 197 -12.14 40.33 41.58
N GLU B 198 -11.54 41.49 41.86
CA GLU B 198 -10.32 41.60 42.68
C GLU B 198 -10.57 40.98 44.09
N GLU B 199 -11.68 41.32 44.70
CA GLU B 199 -12.03 40.80 46.02
CA GLU B 199 -11.97 40.79 46.03
C GLU B 199 -12.26 39.28 45.97
N GLU B 200 -12.85 38.82 44.86
CA GLU B 200 -13.16 37.39 44.68
C GLU B 200 -11.86 36.60 44.45
N ARG B 201 -10.94 37.16 43.69
CA ARG B 201 -9.65 36.49 43.45
C ARG B 201 -8.91 36.23 44.80
N GLN B 202 -9.17 37.05 45.80
CA GLN B 202 -8.48 36.87 47.09
C GLN B 202 -9.18 35.86 47.97
N ILE B 203 -10.46 35.59 47.68
CA ILE B 203 -11.17 34.47 48.31
C ILE B 203 -10.81 33.14 47.62
N ALA B 204 -10.64 33.18 46.29
CA ALA B 204 -10.51 31.94 45.53
C ALA B 204 -9.59 30.84 46.08
N PRO B 205 -8.43 31.20 46.68
CA PRO B 205 -7.49 30.20 47.17
C PRO B 205 -8.03 29.35 48.26
N GLN B 206 -9.15 29.78 48.83
CA GLN B 206 -9.76 28.97 49.90
C GLN B 206 -10.24 27.63 49.39
N LEU B 207 -10.65 27.53 48.13
CA LEU B 207 -11.12 26.17 47.65
C LEU B 207 -10.01 25.07 47.84
N SER B 208 -8.78 25.34 47.40
CA SER B 208 -7.70 24.37 47.59
C SER B 208 -7.33 24.15 49.03
N LYS B 209 -7.37 25.22 49.83
CA LYS B 209 -7.01 25.07 51.23
C LYS B 209 -8.03 24.11 51.90
N ILE B 210 -9.32 24.30 51.64
CA ILE B 210 -10.38 23.44 52.24
C ILE B 210 -10.19 21.98 51.75
N MET B 211 -9.92 21.83 50.47
CA MET B 211 -9.60 20.51 49.89
C MET B 211 -8.43 19.82 50.54
N TRP B 212 -7.34 20.54 50.72
CA TRP B 212 -6.15 19.95 51.25
C TRP B 212 -6.29 19.63 52.75
N ALA B 213 -7.11 20.38 53.46
CA ALA B 213 -7.44 20.09 54.87
C ALA B 213 -8.20 18.79 54.88
N LEU B 214 -9.18 18.66 53.98
CA LEU B 214 -9.93 17.37 53.87
C LEU B 214 -8.93 16.22 53.54
N ALA B 215 -8.08 16.35 52.52
CA ALA B 215 -7.05 15.32 52.22
C ALA B 215 -6.09 14.92 53.31
N GLU B 216 -5.73 15.87 54.16
CA GLU B 216 -4.86 15.55 55.26
CA GLU B 216 -4.83 15.54 55.27
C GLU B 216 -5.56 14.62 56.26
N LYS B 217 -6.81 14.91 56.55
CA LYS B 217 -7.58 14.04 57.50
C LYS B 217 -7.58 12.62 56.93
N MET B 218 -7.74 12.49 55.61
CA MET B 218 -7.77 11.16 55.01
C MET B 218 -6.43 10.47 55.10
N ALA B 219 -5.35 11.23 55.02
CA ALA B 219 -4.00 10.63 55.03
C ALA B 219 -3.67 9.95 56.37
N LEU B 220 -4.30 10.43 57.41
CA LEU B 220 -4.05 9.89 58.73
C LEU B 220 -4.91 8.65 58.88
N GLY B 221 -6.07 8.64 58.18
CA GLY B 221 -7.04 7.55 58.30
C GLY B 221 -8.53 7.86 58.22
N GLU B 222 -8.95 9.12 58.24
CA GLU B 222 -10.38 9.45 58.18
CA GLU B 222 -10.37 9.43 58.18
C GLU B 222 -11.05 8.86 56.91
N ARG B 223 -12.25 8.29 57.11
CA ARG B 223 -13.07 7.71 56.04
C ARG B 223 -14.59 7.99 56.15
N GLN B 224 -15.09 8.77 57.12
CA GLN B 224 -16.50 9.15 57.11
CA GLN B 224 -16.51 9.12 57.11
C GLN B 224 -16.69 10.24 56.09
N ILE B 225 -16.86 9.77 54.85
CA ILE B 225 -16.92 10.59 53.71
C ILE B 225 -18.00 11.65 53.85
N ASP B 226 -19.20 11.25 54.29
CA ASP B 226 -20.36 12.13 54.43
CA ASP B 226 -20.30 12.22 54.28
C ASP B 226 -20.04 13.39 55.23
N ALA B 227 -19.39 13.14 56.34
CA ALA B 227 -19.17 14.19 57.36
C ALA B 227 -18.10 15.18 56.87
N LEU B 228 -17.02 14.60 56.33
CA LEU B 228 -15.91 15.35 55.71
C LEU B 228 -16.43 16.33 54.69
N LEU B 229 -17.26 15.83 53.80
CA LEU B 229 -17.80 16.73 52.76
C LEU B 229 -18.73 17.82 53.33
N GLU B 230 -19.54 17.48 54.35
CA GLU B 230 -20.47 18.45 54.98
C GLU B 230 -19.70 19.60 55.62
N GLU B 231 -18.73 19.25 56.45
CA GLU B 231 -17.72 20.16 56.94
C GLU B 231 -17.24 21.10 55.85
N ALA B 232 -16.80 20.56 54.71
CA ALA B 232 -16.10 21.35 53.71
C ALA B 232 -17.09 22.32 53.05
N ALA B 233 -18.33 21.87 52.85
CA ALA B 233 -19.36 22.74 52.32
C ALA B 233 -19.61 23.88 53.32
N ALA B 234 -19.43 23.59 54.62
CA ALA B 234 -19.76 24.58 55.65
C ALA B 234 -18.76 25.73 55.58
N GLN B 235 -17.52 25.28 55.48
CA GLN B 235 -16.37 26.14 55.43
CA GLN B 235 -16.38 26.18 55.44
C GLN B 235 -16.38 26.95 54.13
N LEU B 236 -16.62 26.28 53.01
CA LEU B 236 -16.82 27.07 51.78
C LEU B 236 -17.82 28.27 51.92
N LEU B 237 -18.99 27.99 52.52
CA LEU B 237 -20.00 29.00 52.82
C LEU B 237 -19.48 30.09 53.75
N ARG B 238 -18.75 29.70 54.79
CA ARG B 238 -18.37 30.70 55.73
C ARG B 238 -17.33 31.70 55.17
N VAL B 239 -16.56 31.27 54.16
CA VAL B 239 -15.57 32.18 53.61
C VAL B 239 -16.01 32.83 52.30
N GLY B 240 -17.20 32.51 51.81
CA GLY B 240 -17.83 33.30 50.77
C GLY B 240 -18.15 32.66 49.44
N PHE B 241 -17.88 31.36 49.35
CA PHE B 241 -18.30 30.55 48.21
C PHE B 241 -19.70 30.06 48.42
N THR B 242 -20.37 29.74 47.31
CA THR B 242 -21.58 28.91 47.35
C THR B 242 -21.20 27.53 46.82
N PRO B 243 -20.98 26.56 47.72
CA PRO B 243 -20.67 25.20 47.25
C PRO B 243 -21.73 24.54 46.34
N ASP B 244 -21.22 23.75 45.38
CA ASP B 244 -22.01 22.80 44.62
C ASP B 244 -21.85 21.49 45.37
N GLU B 245 -22.41 20.42 44.84
CA GLU B 245 -22.18 19.11 45.42
C GLU B 245 -20.69 18.74 45.38
N LEU B 246 -20.23 18.12 46.47
CA LEU B 246 -18.87 17.61 46.64
C LEU B 246 -18.76 16.07 46.74
N PHE B 247 -17.62 15.50 46.29
CA PHE B 247 -17.48 14.03 46.27
C PHE B 247 -16.10 13.54 46.65
N ILE B 248 -16.04 12.33 47.21
CA ILE B 248 -14.81 11.57 47.36
C ILE B 248 -15.07 10.18 46.83
N ARG B 249 -14.34 9.81 45.78
CA ARG B 249 -14.64 8.61 45.00
C ARG B 249 -13.37 7.82 44.63
N ASP B 250 -13.52 6.57 44.17
CA ASP B 250 -12.43 5.77 43.64
C ASP B 250 -11.83 6.51 42.47
N ALA B 251 -10.51 6.58 42.43
CA ALA B 251 -9.81 7.37 41.41
C ALA B 251 -9.98 6.81 40.00
N GLU B 252 -10.29 5.53 39.88
CA GLU B 252 -10.41 4.89 38.55
C GLU B 252 -11.84 4.86 38.00
N THR B 253 -12.79 4.52 38.85
CA THR B 253 -14.17 4.32 38.43
C THR B 253 -15.07 5.49 38.78
N LEU B 254 -14.63 6.36 39.69
CA LEU B 254 -15.44 7.45 40.20
C LEU B 254 -16.64 6.97 41.00
N GLN B 255 -16.68 5.67 41.33
CA GLN B 255 -17.76 5.14 42.18
C GLN B 255 -17.38 5.33 43.64
N PRO B 256 -18.37 5.13 44.55
CA PRO B 256 -18.01 5.16 45.94
C PRO B 256 -16.88 4.21 46.30
N LEU B 257 -16.01 4.65 47.20
CA LEU B 257 -14.89 3.87 47.66
C LEU B 257 -15.35 2.51 48.22
N THR B 258 -14.53 1.49 47.97
CA THR B 258 -14.69 0.15 48.53
C THR B 258 -13.38 -0.26 49.21
N VAL B 259 -13.36 -1.42 49.86
CA VAL B 259 -12.15 -1.85 50.58
C VAL B 259 -11.02 -2.27 49.61
N ASP B 260 -11.38 -2.46 48.34
CA ASP B 260 -10.40 -2.75 47.29
CA ASP B 260 -10.41 -2.75 47.28
C ASP B 260 -9.84 -1.50 46.59
N SER B 261 -10.46 -0.34 46.82
CA SER B 261 -9.99 0.93 46.18
C SER B 261 -8.58 1.24 46.66
N GLN B 262 -7.66 1.50 45.71
CA GLN B 262 -6.28 1.83 46.10
CA GLN B 262 -6.25 1.83 46.02
C GLN B 262 -6.02 3.34 46.13
N GLN B 263 -6.85 4.12 45.46
CA GLN B 263 -6.62 5.55 45.38
C GLN B 263 -7.98 6.24 45.35
N ALA B 264 -8.11 7.33 46.08
CA ALA B 264 -9.32 8.15 46.04
C ALA B 264 -9.04 9.45 45.31
N VAL B 265 -10.12 10.08 44.84
CA VAL B 265 -10.06 11.43 44.33
C VAL B 265 -11.08 12.27 45.04
N ILE B 266 -10.63 13.40 45.57
CA ILE B 266 -11.52 14.42 46.13
C ILE B 266 -11.93 15.39 45.01
N LEU B 267 -13.23 15.61 44.81
CA LEU B 267 -13.80 16.45 43.77
C LEU B 267 -14.57 17.64 44.37
N MET B 268 -13.99 18.83 44.27
CA MET B 268 -14.54 20.10 44.81
C MET B 268 -15.16 20.98 43.71
N ALA B 269 -16.29 21.66 44.00
CA ALA B 269 -16.88 22.63 43.05
C ALA B 269 -17.60 23.66 43.84
N ALA B 270 -17.47 24.94 43.46
CA ALA B 270 -18.13 26.00 44.22
C ALA B 270 -18.16 27.30 43.42
N TRP B 271 -19.25 28.06 43.62
CA TRP B 271 -19.45 29.30 42.88
CA TRP B 271 -19.46 29.31 42.88
C TRP B 271 -18.86 30.48 43.64
N LEU B 272 -18.27 31.41 42.87
CA LEU B 272 -17.76 32.66 43.41
C LEU B 272 -18.14 33.69 42.36
N GLY B 273 -19.17 34.48 42.67
CA GLY B 273 -19.80 35.32 41.68
C GLY B 273 -20.08 34.58 40.39
N LYS B 274 -19.47 35.11 39.30
CA LYS B 274 -19.65 34.68 37.90
C LYS B 274 -19.02 33.32 37.56
N ALA B 275 -18.19 32.81 38.46
CA ALA B 275 -17.36 31.64 38.14
C ALA B 275 -17.75 30.46 39.02
N ARG B 276 -17.94 29.32 38.38
CA ARG B 276 -17.99 28.05 39.10
C ARG B 276 -16.56 27.45 39.05
N LEU B 277 -15.91 27.46 40.19
CA LEU B 277 -14.52 26.98 40.30
C LEU B 277 -14.52 25.54 40.75
N ILE B 278 -13.53 24.78 40.30
CA ILE B 278 -13.39 23.37 40.66
C ILE B 278 -11.92 23.05 40.99
N ASP B 279 -11.71 21.95 41.70
CA ASP B 279 -10.36 21.47 42.03
C ASP B 279 -10.51 20.01 42.43
N ASN B 280 -9.40 19.30 42.51
CA ASN B 280 -9.41 17.92 42.90
C ASN B 280 -8.03 17.54 43.47
N GLN B 281 -7.99 16.44 44.20
CA GLN B 281 -6.79 15.94 44.82
C GLN B 281 -6.83 14.42 44.95
N LEU B 282 -5.75 13.75 44.50
CA LEU B 282 -5.57 12.33 44.66
C LEU B 282 -5.09 11.99 46.09
N VAL B 283 -5.62 10.90 46.65
CA VAL B 283 -5.30 10.44 48.00
C VAL B 283 -4.90 8.96 47.88
N ASP B 284 -3.66 8.61 48.25
CA ASP B 284 -3.28 7.20 48.26
C ASP B 284 -3.96 6.53 49.48
N LEU B 285 -4.67 5.42 49.26
CA LEU B 285 -5.36 4.73 50.37
C LEU B 285 -4.53 3.53 50.86
N ALA C 3 -10.69 15.71 -11.44
CA ALA C 3 -10.71 15.75 -12.92
C ALA C 3 -9.52 14.90 -13.44
N MET C 4 -9.84 14.02 -14.38
CA MET C 4 -8.88 13.14 -15.04
C MET C 4 -7.93 13.93 -15.92
N LEU C 5 -6.66 13.60 -15.82
CA LEU C 5 -5.64 14.21 -16.64
C LEU C 5 -5.32 13.36 -17.86
N ILE C 6 -4.92 14.03 -18.96
CA ILE C 6 -4.49 13.33 -20.16
C ILE C 6 -3.09 13.86 -20.46
N ILE C 7 -2.13 12.96 -20.59
CA ILE C 7 -0.71 13.36 -20.91
C ILE C 7 -0.23 12.48 -22.04
N GLU C 8 0.45 13.12 -22.97
CA GLU C 8 1.05 12.46 -24.12
C GLU C 8 2.56 12.35 -24.03
N THR C 9 3.25 13.34 -23.47
CA THR C 9 4.69 13.37 -23.62
C THR C 9 5.39 12.86 -22.36
N LEU C 10 6.56 12.28 -22.56
CA LEU C 10 7.31 11.66 -21.46
C LEU C 10 7.74 12.68 -20.39
N PRO C 11 8.26 13.87 -20.79
CA PRO C 11 8.55 14.83 -19.73
C PRO C 11 7.39 15.31 -18.88
N LEU C 12 6.24 15.55 -19.51
CA LEU C 12 5.05 15.90 -18.74
C LEU C 12 4.59 14.76 -17.85
N LEU C 13 4.71 13.51 -18.34
CA LEU C 13 4.33 12.34 -17.49
C LEU C 13 5.20 12.36 -16.25
N ARG C 14 6.49 12.57 -16.43
CA ARG C 14 7.39 12.55 -15.27
CA ARG C 14 7.44 12.59 -15.30
C ARG C 14 7.13 13.68 -14.29
N GLN C 15 6.80 14.86 -14.78
CA GLN C 15 6.41 15.92 -13.85
C GLN C 15 5.25 15.48 -12.96
N GLN C 16 4.25 14.83 -13.55
CA GLN C 16 3.08 14.46 -12.75
C GLN C 16 3.39 13.33 -11.75
N ILE C 17 4.13 12.31 -12.21
CA ILE C 17 4.56 11.19 -11.34
C ILE C 17 5.34 11.74 -10.12
N ARG C 18 6.27 12.66 -10.39
CA ARG C 18 7.03 13.32 -9.31
C ARG C 18 6.10 14.04 -8.35
N ARG C 19 5.10 14.74 -8.87
CA ARG C 19 4.20 15.49 -7.97
CA ARG C 19 4.19 15.50 -7.98
C ARG C 19 3.44 14.55 -7.05
N TRP C 20 2.93 13.48 -7.64
CA TRP C 20 2.19 12.50 -6.83
C TRP C 20 3.02 11.85 -5.78
N ARG C 21 4.25 11.56 -6.12
CA ARG C 21 5.13 11.00 -5.14
C ARG C 21 5.45 12.01 -4.01
N GLN C 22 5.47 13.31 -4.34
CA GLN C 22 5.64 14.32 -3.30
CA GLN C 22 5.61 14.40 -3.32
C GLN C 22 4.41 14.44 -2.40
N GLU C 23 3.26 14.07 -2.93
CA GLU C 23 2.03 14.09 -2.21
C GLU C 23 1.85 12.78 -1.34
N GLY C 24 2.86 11.87 -1.39
CA GLY C 24 2.81 10.55 -0.72
C GLY C 24 1.76 9.60 -1.28
N LYS C 25 1.49 9.69 -2.59
CA LYS C 25 0.46 8.85 -3.19
C LYS C 25 0.98 7.46 -3.58
N ARG C 26 0.23 6.42 -3.26
CA ARG C 26 0.50 5.08 -3.86
C ARG C 26 -0.10 5.11 -5.28
N ILE C 27 0.65 4.58 -6.25
CA ILE C 27 0.26 4.60 -7.67
C ILE C 27 -0.05 3.20 -8.19
N ALA C 28 -1.19 3.04 -8.84
CA ALA C 28 -1.50 1.81 -9.60
C ALA C 28 -1.42 2.08 -11.09
N LEU C 29 -0.96 1.10 -11.86
CA LEU C 29 -0.80 1.22 -13.30
C LEU C 29 -1.65 0.14 -13.98
N VAL C 30 -2.41 0.56 -14.99
CA VAL C 30 -3.19 -0.31 -15.84
C VAL C 30 -2.78 -0.10 -17.28
N PRO C 31 -1.92 -1.00 -17.83
CA PRO C 31 -1.41 -0.86 -19.20
C PRO C 31 -2.45 -1.39 -20.19
N THR C 32 -2.77 -0.60 -21.22
CA THR C 32 -3.68 -1.00 -22.23
C THR C 32 -3.22 -0.63 -23.62
N MET C 33 -3.85 -1.25 -24.62
CA MET C 33 -3.66 -0.76 -25.97
C MET C 33 -4.87 0.00 -26.54
N GLY C 34 -5.71 0.52 -25.68
CA GLY C 34 -6.89 1.29 -26.10
C GLY C 34 -8.00 0.45 -26.63
N ASN C 35 -8.95 1.14 -27.22
CA ASN C 35 -10.23 0.53 -27.65
C ASN C 35 -10.88 -0.22 -26.53
N LEU C 36 -11.11 0.51 -25.48
CA LEU C 36 -11.46 -0.07 -24.19
C LEU C 36 -12.87 -0.57 -24.08
N HIS C 37 -13.04 -1.67 -23.35
CA HIS C 37 -14.31 -2.30 -23.13
C HIS C 37 -14.49 -2.52 -21.64
N GLU C 38 -15.58 -3.21 -21.28
CA GLU C 38 -15.97 -3.37 -19.88
C GLU C 38 -14.94 -4.17 -19.04
N GLY C 39 -14.20 -5.04 -19.70
CA GLY C 39 -13.06 -5.72 -19.08
C GLY C 39 -12.01 -4.74 -18.58
N HIS C 40 -11.63 -3.78 -19.43
CA HIS C 40 -10.74 -2.71 -19.00
C HIS C 40 -11.29 -1.89 -17.82
N MET C 41 -12.59 -1.61 -17.84
CA MET C 41 -13.21 -0.86 -16.75
C MET C 41 -13.10 -1.62 -15.44
N THR C 42 -13.21 -2.93 -15.48
CA THR C 42 -12.98 -3.73 -14.26
C THR C 42 -11.54 -3.71 -13.74
N LEU C 43 -10.59 -3.59 -14.62
CA LEU C 43 -9.19 -3.44 -14.27
C LEU C 43 -9.00 -2.12 -13.55
N VAL C 44 -9.62 -1.07 -14.07
CA VAL C 44 -9.53 0.24 -13.44
C VAL C 44 -10.19 0.23 -12.06
N ASP C 45 -11.35 -0.41 -11.97
CA ASP C 45 -12.06 -0.49 -10.70
C ASP C 45 -11.20 -1.23 -9.67
N GLU C 46 -10.57 -2.33 -10.07
CA GLU C 46 -9.71 -3.07 -9.15
C GLU C 46 -8.52 -2.21 -8.71
N ALA C 47 -7.88 -1.56 -9.69
CA ALA C 47 -6.76 -0.71 -9.39
C ALA C 47 -7.09 0.34 -8.36
N LYS C 48 -8.27 0.97 -8.49
CA LYS C 48 -8.65 2.03 -7.55
CA LYS C 48 -8.76 1.99 -7.55
C LYS C 48 -8.82 1.52 -6.12
N THR C 49 -9.00 0.23 -5.96
CA THR C 49 -9.05 -0.36 -4.59
C THR C 49 -7.64 -0.63 -4.00
N ARG C 50 -6.58 -0.42 -4.79
CA ARG C 50 -5.24 -0.84 -4.44
C ARG C 50 -4.24 0.30 -4.34
N ALA C 51 -4.68 1.50 -4.61
CA ALA C 51 -3.78 2.65 -4.62
C ALA C 51 -4.55 3.92 -4.54
N ASP C 52 -3.85 5.04 -4.35
CA ASP C 52 -4.50 6.35 -4.27
C ASP C 52 -4.88 6.95 -5.61
N VAL C 53 -4.02 6.70 -6.59
CA VAL C 53 -4.24 7.18 -7.92
CA VAL C 53 -4.08 7.23 -7.93
C VAL C 53 -3.96 6.07 -8.91
N VAL C 54 -4.73 6.09 -9.98
CA VAL C 54 -4.66 5.12 -11.04
C VAL C 54 -4.25 5.78 -12.35
N VAL C 55 -3.16 5.27 -12.90
CA VAL C 55 -2.65 5.67 -14.22
C VAL C 55 -3.01 4.58 -15.24
N VAL C 56 -3.75 4.92 -16.28
CA VAL C 56 -4.06 4.02 -17.38
C VAL C 56 -3.25 4.45 -18.54
N THR C 57 -2.54 3.54 -19.17
CA THR C 57 -1.78 3.86 -20.40
C THR C 57 -2.59 3.33 -21.58
N ILE C 58 -2.55 4.07 -22.69
CA ILE C 58 -3.16 3.65 -23.96
C ILE C 58 -2.06 3.80 -25.00
N PHE C 59 -1.60 2.69 -25.53
CA PHE C 59 -0.50 2.66 -26.49
C PHE C 59 -0.55 1.36 -27.29
N VAL C 60 -0.87 1.48 -28.58
CA VAL C 60 -0.83 0.37 -29.48
C VAL C 60 0.65 0.19 -29.77
N ASN C 61 1.22 -0.89 -29.24
CA ASN C 61 2.68 -1.03 -29.20
C ASN C 61 3.19 -1.79 -30.43
N PRO C 62 3.82 -1.09 -31.35
CA PRO C 62 4.22 -1.84 -32.55
C PRO C 62 5.15 -3.01 -32.37
N LEU C 63 5.97 -2.93 -31.33
CA LEU C 63 6.97 -3.97 -31.10
C LEU C 63 6.36 -5.34 -30.85
N GLN C 64 5.13 -5.43 -30.40
CA GLN C 64 4.56 -6.72 -30.04
C GLN C 64 3.64 -7.24 -31.12
N PHE C 65 3.52 -6.52 -32.22
CA PHE C 65 2.75 -7.04 -33.38
C PHE C 65 3.67 -7.73 -34.36
N GLU C 66 3.65 -9.06 -34.38
CA GLU C 66 4.43 -9.81 -35.32
C GLU C 66 3.79 -9.89 -36.69
N ARG C 67 2.51 -9.55 -36.81
CA ARG C 67 1.83 -9.49 -38.12
CA ARG C 67 1.81 -9.51 -38.10
C ARG C 67 1.54 -8.05 -38.48
N PRO C 68 2.19 -7.54 -39.53
CA PRO C 68 1.91 -6.12 -39.85
C PRO C 68 0.45 -5.77 -40.11
N ASP C 69 -0.28 -6.69 -40.72
CA ASP C 69 -1.67 -6.55 -41.02
CA ASP C 69 -1.69 -6.46 -41.02
C ASP C 69 -2.52 -6.36 -39.73
N ASP C 70 -2.11 -7.07 -38.69
CA ASP C 70 -2.80 -6.98 -37.41
C ASP C 70 -2.60 -5.55 -36.86
N LEU C 71 -1.37 -5.04 -36.90
CA LEU C 71 -1.08 -3.72 -36.35
C LEU C 71 -1.92 -2.70 -37.13
N ALA C 72 -2.01 -2.90 -38.44
CA ALA C 72 -2.72 -1.96 -39.32
C ALA C 72 -4.19 -1.79 -39.01
N HIS C 73 -4.82 -2.86 -38.56
CA HIS C 73 -6.25 -2.89 -38.36
C HIS C 73 -6.64 -2.78 -36.92
N TYR C 74 -5.66 -2.74 -36.02
CA TYR C 74 -5.98 -2.67 -34.59
C TYR C 74 -6.78 -1.39 -34.32
N PRO C 75 -7.89 -1.47 -33.61
CA PRO C 75 -8.76 -0.29 -33.51
C PRO C 75 -8.18 0.81 -32.66
N ARG C 76 -8.40 2.05 -33.09
CA ARG C 76 -7.92 3.21 -32.34
CA ARG C 76 -7.91 3.22 -32.35
C ARG C 76 -9.10 4.14 -32.14
N THR C 77 -9.47 4.34 -30.86
CA THR C 77 -10.69 5.06 -30.48
C THR C 77 -10.38 5.90 -29.25
N LEU C 78 -9.38 6.75 -29.35
CA LEU C 78 -8.84 7.41 -28.12
C LEU C 78 -9.88 8.29 -27.38
N GLN C 79 -10.72 9.04 -28.11
CA GLN C 79 -11.69 9.89 -27.40
CA GLN C 79 -11.76 9.87 -27.48
C GLN C 79 -12.76 9.07 -26.69
N GLU C 80 -13.27 8.01 -27.31
CA GLU C 80 -14.22 7.10 -26.66
CA GLU C 80 -14.22 7.10 -26.66
C GLU C 80 -13.58 6.50 -25.43
N ASP C 81 -12.33 6.10 -25.56
CA ASP C 81 -11.61 5.49 -24.45
C ASP C 81 -11.50 6.45 -23.23
N CYS C 82 -11.06 7.68 -23.49
CA CYS C 82 -10.96 8.68 -22.44
C CYS C 82 -12.29 9.01 -21.79
N GLU C 83 -13.38 9.12 -22.57
CA GLU C 83 -14.69 9.32 -21.90
C GLU C 83 -15.12 8.20 -20.98
N LYS C 84 -14.83 6.94 -21.31
CA LYS C 84 -15.17 5.80 -20.45
C LYS C 84 -14.33 5.84 -19.16
N LEU C 85 -13.06 6.19 -19.31
CA LEU C 85 -12.15 6.24 -18.20
C LEU C 85 -12.52 7.37 -17.22
N THR C 86 -12.99 8.50 -17.74
CA THR C 86 -13.48 9.57 -16.88
C THR C 86 -14.57 9.08 -15.92
N ARG C 87 -15.51 8.25 -16.41
CA ARG C 87 -16.57 7.68 -15.57
C ARG C 87 -16.19 6.60 -14.59
N HIS C 88 -15.02 6.05 -14.76
CA HIS C 88 -14.53 5.02 -13.81
C HIS C 88 -13.44 5.58 -12.97
N GLY C 89 -13.23 6.90 -13.09
CA GLY C 89 -12.47 7.65 -12.10
C GLY C 89 -10.96 7.44 -12.19
N ALA C 90 -10.47 7.10 -13.39
CA ALA C 90 -9.03 7.05 -13.61
C ALA C 90 -8.50 8.41 -13.35
N ASP C 91 -7.30 8.50 -12.78
CA ASP C 91 -6.67 9.78 -12.47
C ASP C 91 -5.86 10.37 -13.61
N LEU C 92 -5.29 9.52 -14.44
CA LEU C 92 -4.40 9.97 -15.51
C LEU C 92 -4.46 8.95 -16.61
N VAL C 93 -4.60 9.43 -17.86
CA VAL C 93 -4.42 8.61 -19.03
C VAL C 93 -3.15 9.09 -19.68
N PHE C 94 -2.22 8.17 -19.85
CA PHE C 94 -0.99 8.42 -20.62
C PHE C 94 -1.10 7.79 -21.99
N ALA C 95 -1.15 8.62 -23.04
CA ALA C 95 -1.46 8.17 -24.38
C ALA C 95 -0.38 8.73 -25.32
N PRO C 96 0.82 8.15 -25.28
CA PRO C 96 1.93 8.61 -26.11
C PRO C 96 1.82 8.25 -27.56
N ALA C 97 2.42 9.10 -28.42
CA ALA C 97 2.68 8.76 -29.80
C ALA C 97 3.82 7.74 -29.91
N ALA C 98 3.83 6.93 -30.99
CA ALA C 98 4.88 5.96 -31.20
C ALA C 98 6.19 6.71 -31.25
N ALA C 99 6.16 7.92 -31.83
CA ALA C 99 7.39 8.66 -32.05
C ALA C 99 8.02 9.09 -30.72
N ASP C 100 7.24 9.16 -29.65
CA ASP C 100 7.82 9.50 -28.38
C ASP C 100 8.32 8.30 -27.59
N ILE C 101 7.66 7.15 -27.75
CA ILE C 101 8.12 5.91 -27.08
C ILE C 101 9.29 5.29 -27.78
N TYR C 102 9.31 5.38 -29.10
CA TYR C 102 10.35 4.82 -29.93
C TYR C 102 10.85 5.87 -30.95
N PRO C 103 11.50 6.93 -30.48
CA PRO C 103 11.86 8.08 -31.36
C PRO C 103 12.70 7.77 -32.56
N ALA C 104 13.50 6.69 -32.48
CA ALA C 104 14.31 6.24 -33.59
C ALA C 104 13.77 4.94 -34.23
N GLY C 105 12.52 4.56 -33.93
CA GLY C 105 11.99 3.32 -34.48
C GLY C 105 12.50 2.10 -33.77
N LEU C 106 12.23 0.92 -34.34
CA LEU C 106 12.38 -0.33 -33.58
C LEU C 106 13.67 -1.09 -33.85
N GLU C 107 14.31 -0.77 -34.99
CA GLU C 107 15.52 -1.46 -35.39
CA GLU C 107 15.54 -1.44 -35.41
C GLU C 107 16.60 -1.49 -34.29
N LYS C 108 16.84 -0.36 -33.65
CA LYS C 108 17.90 -0.30 -32.67
C LYS C 108 17.38 -0.09 -31.28
N GLN C 109 16.08 -0.28 -31.09
CA GLN C 109 15.47 -0.11 -29.75
C GLN C 109 15.93 -1.19 -28.74
N THR C 110 16.39 -0.76 -27.56
CA THR C 110 16.75 -1.66 -26.49
C THR C 110 15.54 -2.53 -26.18
N TYR C 111 15.77 -3.81 -25.95
CA TYR C 111 14.66 -4.69 -25.64
C TYR C 111 14.95 -5.53 -24.43
N VAL C 112 13.88 -6.05 -23.86
CA VAL C 112 13.87 -6.95 -22.72
C VAL C 112 13.23 -8.26 -23.20
N ASP C 113 13.92 -9.38 -22.96
CA ASP C 113 13.43 -10.75 -23.32
CA ASP C 113 13.36 -10.68 -23.27
C ASP C 113 13.34 -11.55 -22.02
N VAL C 114 12.24 -12.28 -21.89
CA VAL C 114 12.02 -13.16 -20.73
C VAL C 114 12.11 -14.61 -21.26
N PRO C 115 13.29 -15.22 -21.16
CA PRO C 115 13.45 -16.48 -21.90
C PRO C 115 12.65 -17.64 -21.41
N ALA C 116 12.15 -17.59 -20.19
CA ALA C 116 11.50 -18.78 -19.66
C ALA C 116 10.15 -19.08 -20.36
N LEU C 117 9.54 -18.04 -20.88
CA LEU C 117 8.14 -18.06 -21.21
C LEU C 117 7.84 -17.42 -22.54
N SER C 118 8.78 -16.76 -23.17
CA SER C 118 8.50 -16.01 -24.39
C SER C 118 8.39 -16.88 -25.63
N THR C 119 8.92 -18.11 -25.58
CA THR C 119 9.01 -18.93 -26.81
C THR C 119 8.18 -20.23 -26.76
N ILE C 120 7.48 -20.44 -25.67
CA ILE C 120 6.59 -21.61 -25.56
C ILE C 120 5.15 -21.20 -25.69
N LEU C 121 4.27 -22.16 -25.95
CA LEU C 121 2.83 -21.89 -25.91
C LEU C 121 2.43 -20.75 -26.85
N GLU C 122 1.77 -19.70 -26.37
CA GLU C 122 1.39 -18.56 -27.18
C GLU C 122 2.62 -17.91 -27.82
N GLY C 123 3.77 -18.02 -27.19
CA GLY C 123 4.99 -17.43 -27.75
C GLY C 123 5.53 -18.19 -28.94
N ALA C 124 5.23 -19.50 -29.01
CA ALA C 124 5.53 -20.30 -30.18
C ALA C 124 4.60 -19.98 -31.38
N SER C 125 3.34 -19.75 -31.09
CA SER C 125 2.36 -19.32 -32.08
C SER C 125 2.57 -17.88 -32.55
N ARG C 126 3.18 -17.07 -31.69
CA ARG C 126 3.39 -15.63 -31.93
C ARG C 126 4.86 -15.23 -31.72
N PRO C 127 5.73 -15.71 -32.61
CA PRO C 127 7.15 -15.40 -32.38
C PRO C 127 7.42 -13.92 -32.49
N GLY C 128 8.23 -13.42 -31.55
CA GLY C 128 8.54 -11.99 -31.44
C GLY C 128 7.53 -11.14 -30.68
N HIS C 129 6.36 -11.69 -30.42
CA HIS C 129 5.33 -10.93 -29.71
C HIS C 129 5.73 -10.62 -28.28
N PHE C 130 6.20 -11.61 -27.52
CA PHE C 130 6.41 -11.35 -26.10
C PHE C 130 7.57 -10.41 -25.82
N ARG C 131 8.56 -10.35 -26.69
CA ARG C 131 9.65 -9.37 -26.56
C ARG C 131 9.05 -7.95 -26.51
N GLY C 132 8.09 -7.72 -27.38
CA GLY C 132 7.39 -6.46 -27.44
C GLY C 132 6.69 -6.11 -26.14
N VAL C 133 6.08 -7.10 -25.54
CA VAL C 133 5.33 -6.93 -24.30
C VAL C 133 6.29 -6.61 -23.13
N SER C 134 7.29 -7.46 -22.90
CA SER C 134 8.25 -7.20 -21.83
C SER C 134 8.99 -5.89 -22.02
N THR C 135 9.31 -5.52 -23.26
CA THR C 135 9.96 -4.24 -23.51
C THR C 135 9.07 -3.04 -23.10
N ILE C 136 7.84 -3.02 -23.59
CA ILE C 136 6.95 -1.85 -23.29
C ILE C 136 6.58 -1.81 -21.81
N VAL C 137 6.32 -2.97 -21.27
CA VAL C 137 5.95 -3.01 -19.87
C VAL C 137 7.09 -2.53 -18.95
N SER C 138 8.31 -3.01 -19.20
CA SER C 138 9.48 -2.55 -18.48
CA SER C 138 9.48 -2.54 -18.48
C SER C 138 9.58 -1.03 -18.62
N LYS C 139 9.42 -0.51 -19.83
CA LYS C 139 9.54 0.93 -20.04
C LYS C 139 8.47 1.70 -19.23
N LEU C 140 7.23 1.21 -19.25
CA LEU C 140 6.16 1.88 -18.49
C LEU C 140 6.46 1.80 -17.02
N PHE C 141 6.99 0.65 -16.57
CA PHE C 141 7.39 0.56 -15.17
C PHE C 141 8.48 1.57 -14.77
N ASN C 142 9.43 1.79 -15.67
CA ASN C 142 10.50 2.70 -15.42
C ASN C 142 10.02 4.15 -15.40
N LEU C 143 9.06 4.46 -16.25
CA LEU C 143 8.53 5.82 -16.36
C LEU C 143 7.63 6.17 -15.19
N ILE C 144 6.86 5.20 -14.72
CA ILE C 144 5.77 5.47 -13.82
C ILE C 144 6.08 5.02 -12.40
N GLN C 145 6.94 4.02 -12.26
CA GLN C 145 7.33 3.48 -10.97
C GLN C 145 6.11 3.23 -10.06
N PRO C 146 5.16 2.45 -10.56
CA PRO C 146 3.95 2.15 -9.81
C PRO C 146 4.24 1.23 -8.61
N ASP C 147 3.41 1.32 -7.59
CA ASP C 147 3.39 0.32 -6.53
C ASP C 147 2.73 -1.01 -6.92
N VAL C 148 1.75 -0.91 -7.78
CA VAL C 148 1.00 -2.08 -8.25
CA VAL C 148 0.88 -2.04 -8.22
C VAL C 148 0.61 -1.90 -9.69
N ALA C 149 0.56 -3.01 -10.44
CA ALA C 149 0.13 -2.97 -11.83
C ALA C 149 -0.82 -4.13 -12.04
N CYS C 150 -1.91 -3.86 -12.74
CA CYS C 150 -3.04 -4.79 -12.93
C CYS C 150 -3.18 -5.16 -14.42
N PHE C 151 -3.38 -6.45 -14.66
CA PHE C 151 -3.46 -7.04 -15.98
C PHE C 151 -4.64 -8.03 -15.99
N GLY C 152 -5.18 -8.27 -17.19
CA GLY C 152 -6.24 -9.24 -17.35
C GLY C 152 -5.76 -10.68 -17.44
N GLU C 153 -6.56 -11.60 -16.89
CA GLU C 153 -6.25 -13.03 -16.95
CA GLU C 153 -6.27 -13.03 -16.96
C GLU C 153 -6.57 -13.59 -18.34
N LYS C 154 -7.29 -12.85 -19.18
CA LYS C 154 -7.51 -13.30 -20.58
CA LYS C 154 -7.52 -13.28 -20.54
C LYS C 154 -6.19 -13.57 -21.24
N ASP C 155 -5.17 -12.75 -20.94
CA ASP C 155 -3.87 -12.95 -21.53
C ASP C 155 -3.03 -13.63 -20.45
N TYR C 156 -3.29 -14.91 -20.26
CA TYR C 156 -2.87 -15.64 -19.10
C TYR C 156 -1.34 -15.80 -19.10
N GLN C 157 -0.77 -16.18 -20.23
CA GLN C 157 0.67 -16.36 -20.32
C GLN C 157 1.38 -15.02 -20.23
N GLN C 158 0.77 -13.97 -20.77
CA GLN C 158 1.33 -12.64 -20.62
C GLN C 158 1.51 -12.30 -19.14
N LEU C 159 0.54 -12.64 -18.33
CA LEU C 159 0.63 -12.32 -16.90
C LEU C 159 1.78 -13.06 -16.23
N ALA C 160 1.91 -14.32 -16.57
CA ALA C 160 3.00 -15.15 -16.06
C ALA C 160 4.35 -14.56 -16.48
N LEU C 161 4.41 -14.12 -17.73
CA LEU C 161 5.63 -13.57 -18.27
C LEU C 161 6.04 -12.25 -17.55
N ILE C 162 5.08 -11.35 -17.33
CA ILE C 162 5.30 -10.15 -16.58
C ILE C 162 5.75 -10.44 -15.12
N ARG C 163 5.13 -11.42 -14.47
CA ARG C 163 5.55 -11.77 -13.15
C ARG C 163 7.00 -12.29 -13.08
N LYS C 164 7.43 -13.03 -14.09
CA LYS C 164 8.77 -13.55 -14.15
CA LYS C 164 8.79 -13.54 -14.14
C LYS C 164 9.75 -12.39 -14.41
N MET C 165 9.38 -11.49 -15.29
CA MET C 165 10.20 -10.31 -15.58
C MET C 165 10.42 -9.50 -14.27
N VAL C 166 9.36 -9.28 -13.53
CA VAL C 166 9.42 -8.52 -12.29
C VAL C 166 10.34 -9.20 -11.25
N ALA C 167 10.15 -10.51 -11.07
CA ALA C 167 11.04 -11.28 -10.21
C ALA C 167 12.51 -11.22 -10.65
N ASP C 168 12.78 -11.43 -11.91
CA ASP C 168 14.13 -11.46 -12.42
C ASP C 168 14.82 -10.11 -12.46
N MET C 169 14.06 -9.05 -12.72
CA MET C 169 14.65 -7.72 -12.91
C MET C 169 14.62 -6.81 -11.69
N GLY C 170 14.13 -7.28 -10.52
CA GLY C 170 14.26 -6.45 -9.35
C GLY C 170 13.21 -5.38 -9.19
N TYR C 171 12.10 -5.50 -9.91
CA TYR C 171 11.05 -4.49 -9.79
C TYR C 171 10.30 -4.63 -8.49
N ASP C 172 10.11 -3.52 -7.81
CA ASP C 172 9.39 -3.51 -6.52
C ASP C 172 7.90 -3.17 -6.81
N ILE C 173 7.22 -4.06 -7.54
CA ILE C 173 5.86 -3.80 -8.06
C ILE C 173 4.99 -5.03 -7.83
N ASN C 174 3.86 -4.85 -7.16
CA ASN C 174 2.85 -5.92 -7.01
C ASN C 174 2.10 -6.10 -8.30
N ILE C 175 2.05 -7.35 -8.78
CA ILE C 175 1.40 -7.67 -10.03
C ILE C 175 0.11 -8.39 -9.77
N VAL C 176 -0.98 -7.79 -10.26
CA VAL C 176 -2.36 -8.28 -9.92
C VAL C 176 -3.03 -8.71 -11.21
N GLY C 177 -3.67 -9.88 -11.16
CA GLY C 177 -4.47 -10.41 -12.23
C GLY C 177 -5.95 -10.25 -11.95
N VAL C 178 -6.67 -9.79 -12.96
CA VAL C 178 -8.09 -9.58 -12.89
C VAL C 178 -8.86 -10.52 -13.88
N PRO C 179 -9.90 -11.17 -13.43
CA PRO C 179 -10.59 -12.16 -14.30
C PRO C 179 -11.22 -11.57 -15.55
N THR C 180 -11.35 -12.42 -16.58
CA THR C 180 -11.88 -12.02 -17.87
C THR C 180 -13.33 -11.64 -17.72
N VAL C 181 -13.73 -10.55 -18.35
CA VAL C 181 -15.11 -10.16 -18.46
C VAL C 181 -15.62 -10.64 -19.81
N ARG C 182 -16.87 -11.12 -19.81
CA ARG C 182 -17.50 -11.72 -20.97
C ARG C 182 -18.77 -10.98 -21.36
N ALA C 183 -19.09 -11.08 -22.65
CA ALA C 183 -20.38 -10.66 -23.17
C ALA C 183 -21.45 -11.55 -22.58
N LYS C 184 -22.72 -11.16 -22.72
CA LYS C 184 -23.79 -11.92 -22.11
C LYS C 184 -23.83 -13.33 -22.68
N ASP C 185 -23.42 -13.47 -23.94
CA ASP C 185 -23.38 -14.77 -24.60
C ASP C 185 -22.12 -15.63 -24.36
N GLY C 186 -21.20 -15.14 -23.51
CA GLY C 186 -20.02 -15.90 -23.12
C GLY C 186 -18.73 -15.47 -23.79
N LEU C 187 -18.81 -14.73 -24.90
CA LEU C 187 -17.59 -14.32 -25.63
C LEU C 187 -16.70 -13.44 -24.74
N ALA C 188 -15.43 -13.79 -24.65
CA ALA C 188 -14.44 -13.00 -23.93
C ALA C 188 -14.32 -11.64 -24.58
N LEU C 189 -14.46 -10.57 -23.79
CA LEU C 189 -14.36 -9.24 -24.37
C LEU C 189 -12.94 -8.99 -24.83
N SER C 190 -12.80 -8.38 -26.01
CA SER C 190 -11.50 -8.10 -26.58
C SER C 190 -11.66 -7.08 -27.69
N SER C 191 -10.69 -6.19 -27.79
CA SER C 191 -10.69 -5.23 -28.86
C SER C 191 -10.66 -5.93 -30.24
N ARG C 192 -10.07 -7.12 -30.29
CA ARG C 192 -10.02 -7.88 -31.52
C ARG C 192 -11.40 -8.42 -31.98
N ASN C 193 -12.40 -8.42 -31.11
CA ASN C 193 -13.75 -8.84 -31.48
C ASN C 193 -14.32 -7.97 -32.60
N GLY C 194 -13.85 -6.73 -32.67
CA GLY C 194 -14.30 -5.81 -33.73
C GLY C 194 -13.89 -6.26 -35.14
N TYR C 195 -12.90 -7.13 -35.23
CA TYR C 195 -12.46 -7.77 -36.47
C TYR C 195 -13.50 -8.71 -37.12
N LEU C 196 -14.42 -9.22 -36.32
CA LEU C 196 -15.43 -10.20 -36.74
C LEU C 196 -16.52 -9.51 -37.60
N THR C 197 -17.03 -10.20 -38.60
CA THR C 197 -18.27 -9.76 -39.25
C THR C 197 -19.48 -9.99 -38.32
N GLU C 198 -20.64 -9.41 -38.66
CA GLU C 198 -21.86 -9.57 -37.87
CA GLU C 198 -21.84 -9.58 -37.84
C GLU C 198 -22.21 -11.05 -37.69
N GLU C 199 -22.05 -11.80 -38.79
CA GLU C 199 -22.37 -13.22 -38.83
CA GLU C 199 -22.35 -13.24 -38.82
C GLU C 199 -21.35 -14.00 -37.96
N GLU C 200 -20.07 -13.65 -38.12
CA GLU C 200 -19.02 -14.31 -37.31
C GLU C 200 -19.21 -14.07 -35.82
N ARG C 201 -19.66 -12.88 -35.44
CA ARG C 201 -19.89 -12.56 -34.03
C ARG C 201 -20.92 -13.51 -33.40
N GLN C 202 -21.85 -14.03 -34.20
CA GLN C 202 -22.81 -15.00 -33.69
C GLN C 202 -22.27 -16.45 -33.52
N ILE C 203 -21.19 -16.76 -34.21
CA ILE C 203 -20.48 -18.05 -34.08
C ILE C 203 -19.46 -17.98 -32.92
N ALA C 204 -18.89 -16.79 -32.70
CA ALA C 204 -17.75 -16.63 -31.77
C ALA C 204 -17.96 -17.18 -30.36
N PRO C 205 -19.18 -17.06 -29.80
CA PRO C 205 -19.42 -17.67 -28.51
C PRO C 205 -19.13 -19.17 -28.46
N GLN C 206 -19.08 -19.86 -29.60
CA GLN C 206 -18.81 -21.33 -29.55
C GLN C 206 -17.44 -21.66 -29.00
N LEU C 207 -16.50 -20.72 -29.07
CA LEU C 207 -15.16 -20.98 -28.50
C LEU C 207 -15.26 -21.23 -26.99
N SER C 208 -15.93 -20.35 -26.26
CA SER C 208 -16.13 -20.54 -24.87
C SER C 208 -16.96 -21.80 -24.56
N LYS C 209 -18.00 -22.04 -25.34
CA LYS C 209 -18.84 -23.26 -25.11
C LYS C 209 -18.01 -24.56 -25.17
N ILE C 210 -17.18 -24.64 -26.20
CA ILE C 210 -16.29 -25.77 -26.43
C ILE C 210 -15.22 -25.89 -25.35
N MET C 211 -14.69 -24.73 -24.96
CA MET C 211 -13.75 -24.67 -23.83
C MET C 211 -14.39 -25.22 -22.55
N TRP C 212 -15.59 -24.76 -22.24
CA TRP C 212 -16.30 -25.14 -21.02
C TRP C 212 -16.74 -26.62 -21.05
N ALA C 213 -17.03 -27.15 -22.23
CA ALA C 213 -17.36 -28.60 -22.35
C ALA C 213 -16.14 -29.43 -21.98
N LEU C 214 -14.98 -29.01 -22.44
CA LEU C 214 -13.70 -29.66 -22.05
C LEU C 214 -13.47 -29.54 -20.54
N ALA C 215 -13.70 -28.35 -19.98
CA ALA C 215 -13.55 -28.15 -18.55
C ALA C 215 -14.46 -29.06 -17.78
N GLU C 216 -15.69 -29.28 -18.27
CA GLU C 216 -16.61 -30.16 -17.52
CA GLU C 216 -16.62 -30.17 -17.55
C GLU C 216 -16.16 -31.63 -17.59
N LYS C 217 -15.59 -32.04 -18.71
CA LYS C 217 -15.01 -33.39 -18.81
C LYS C 217 -13.88 -33.54 -17.80
N MET C 218 -13.07 -32.50 -17.63
CA MET C 218 -11.96 -32.58 -16.64
C MET C 218 -12.48 -32.54 -15.21
N ALA C 219 -13.60 -31.83 -14.98
CA ALA C 219 -14.25 -31.77 -13.65
C ALA C 219 -14.69 -33.16 -13.25
N LEU C 220 -15.08 -33.96 -14.24
CA LEU C 220 -15.53 -35.33 -13.99
C LEU C 220 -14.38 -36.31 -13.89
N GLY C 221 -13.15 -35.85 -14.05
CA GLY C 221 -11.99 -36.72 -13.94
C GLY C 221 -11.21 -37.06 -15.21
N GLU C 222 -11.64 -36.58 -16.39
CA GLU C 222 -10.92 -36.92 -17.62
CA GLU C 222 -10.94 -36.89 -17.64
C GLU C 222 -9.54 -36.25 -17.67
N ARG C 223 -8.53 -37.01 -18.11
CA ARG C 223 -7.16 -36.53 -18.10
C ARG C 223 -6.35 -36.83 -19.36
N GLN C 224 -6.97 -37.41 -20.39
CA GLN C 224 -6.24 -37.70 -21.63
C GLN C 224 -6.17 -36.47 -22.53
N ILE C 225 -5.20 -35.60 -22.25
CA ILE C 225 -5.18 -34.25 -22.80
C ILE C 225 -5.19 -34.20 -24.33
N ASP C 226 -4.30 -34.96 -24.95
CA ASP C 226 -4.21 -34.89 -26.40
C ASP C 226 -5.57 -35.25 -27.04
N ALA C 227 -6.21 -36.30 -26.54
CA ALA C 227 -7.47 -36.74 -27.09
C ALA C 227 -8.57 -35.71 -26.81
N LEU C 228 -8.59 -35.15 -25.59
CA LEU C 228 -9.54 -34.11 -25.26
C LEU C 228 -9.38 -32.93 -26.20
N LEU C 229 -8.13 -32.52 -26.44
CA LEU C 229 -7.88 -31.35 -27.28
C LEU C 229 -8.13 -31.61 -28.75
N GLU C 230 -7.89 -32.84 -29.19
CA GLU C 230 -8.22 -33.21 -30.55
C GLU C 230 -9.70 -33.12 -30.81
N GLU C 231 -10.53 -33.52 -29.85
CA GLU C 231 -11.96 -33.42 -29.99
C GLU C 231 -12.43 -31.95 -29.98
N ALA C 232 -11.82 -31.12 -29.15
CA ALA C 232 -12.12 -29.65 -29.16
C ALA C 232 -11.77 -29.01 -30.50
N ALA C 233 -10.63 -29.40 -31.04
CA ALA C 233 -10.21 -28.86 -32.32
C ALA C 233 -11.19 -29.27 -33.40
N ALA C 234 -11.66 -30.52 -33.34
CA ALA C 234 -12.58 -31.02 -34.36
C ALA C 234 -13.89 -30.27 -34.26
N GLN C 235 -14.38 -30.05 -33.02
CA GLN C 235 -15.56 -29.26 -32.72
C GLN C 235 -15.43 -27.83 -33.26
N LEU C 236 -14.32 -27.16 -32.98
CA LEU C 236 -14.07 -25.82 -33.55
C LEU C 236 -14.12 -25.77 -35.09
N LEU C 237 -13.45 -26.71 -35.74
CA LEU C 237 -13.52 -26.77 -37.20
C LEU C 237 -14.96 -26.93 -37.70
N ARG C 238 -15.75 -27.78 -37.05
CA ARG C 238 -17.13 -28.04 -37.51
C ARG C 238 -18.01 -26.79 -37.49
N VAL C 239 -17.79 -25.87 -36.55
CA VAL C 239 -18.67 -24.70 -36.43
C VAL C 239 -18.08 -23.48 -37.14
N GLY C 240 -16.90 -23.60 -37.77
CA GLY C 240 -16.37 -22.56 -38.66
C GLY C 240 -15.13 -21.82 -38.19
N PHE C 241 -14.51 -22.28 -37.11
CA PHE C 241 -13.20 -21.74 -36.74
C PHE C 241 -12.08 -22.49 -37.44
N THR C 242 -10.89 -21.89 -37.41
CA THR C 242 -9.62 -22.61 -37.70
C THR C 242 -8.76 -22.60 -36.44
N PRO C 243 -8.70 -23.73 -35.74
CA PRO C 243 -7.96 -23.73 -34.49
C PRO C 243 -6.47 -23.50 -34.71
N ASP C 244 -5.88 -22.76 -33.78
CA ASP C 244 -4.45 -22.69 -33.67
C ASP C 244 -4.11 -23.79 -32.62
N GLU C 245 -2.91 -23.79 -32.07
CA GLU C 245 -2.51 -24.81 -31.14
C GLU C 245 -3.24 -24.55 -29.82
N LEU C 246 -3.78 -25.62 -29.25
CA LEU C 246 -4.52 -25.62 -27.97
C LEU C 246 -3.64 -26.36 -26.97
N PHE C 247 -3.76 -25.99 -25.68
CA PHE C 247 -2.94 -26.57 -24.63
C PHE C 247 -3.78 -26.72 -23.38
N ILE C 248 -3.40 -27.69 -22.56
CA ILE C 248 -3.87 -27.83 -21.17
C ILE C 248 -2.65 -28.09 -20.31
N ARG C 249 -2.39 -27.12 -19.42
CA ARG C 249 -1.15 -27.06 -18.63
C ARG C 249 -1.44 -26.84 -17.17
N ASP C 250 -0.43 -27.07 -16.33
CA ASP C 250 -0.48 -26.69 -14.94
C ASP C 250 -0.72 -25.19 -14.86
N ALA C 251 -1.71 -24.76 -14.08
CA ALA C 251 -2.10 -23.35 -14.02
C ALA C 251 -1.01 -22.48 -13.39
N GLU C 252 -0.20 -23.07 -12.50
CA GLU C 252 0.82 -22.31 -11.77
C GLU C 252 2.10 -22.14 -12.59
N THR C 253 2.54 -23.22 -13.21
CA THR C 253 3.83 -23.24 -13.88
C THR C 253 3.81 -23.21 -15.39
N LEU C 254 2.65 -23.50 -15.98
CA LEU C 254 2.47 -23.63 -17.44
C LEU C 254 3.18 -24.83 -18.04
N GLN C 255 3.68 -25.72 -17.21
CA GLN C 255 4.25 -26.96 -17.68
C GLN C 255 3.20 -28.04 -17.85
N PRO C 256 3.57 -29.15 -18.50
CA PRO C 256 2.58 -30.23 -18.57
C PRO C 256 2.11 -30.69 -17.19
N LEU C 257 0.87 -31.15 -17.11
CA LEU C 257 0.30 -31.60 -15.87
C LEU C 257 1.11 -32.77 -15.34
N THR C 258 1.17 -32.85 -14.02
CA THR C 258 1.83 -33.92 -13.32
C THR C 258 0.89 -34.34 -12.17
N VAL C 259 1.28 -35.40 -11.47
CA VAL C 259 0.46 -35.89 -10.41
C VAL C 259 0.26 -34.81 -9.32
N ASP C 260 1.25 -33.94 -9.19
CA ASP C 260 1.22 -32.84 -8.22
C ASP C 260 0.34 -31.64 -8.59
N SER C 261 -0.05 -31.55 -9.86
CA SER C 261 -0.92 -30.46 -10.31
C SER C 261 -2.26 -30.41 -9.56
N GLN C 262 -2.63 -29.25 -9.07
CA GLN C 262 -3.92 -29.04 -8.38
CA GLN C 262 -3.92 -29.09 -8.41
C GLN C 262 -4.91 -28.25 -9.25
N GLN C 263 -4.40 -27.53 -10.25
CA GLN C 263 -5.24 -26.69 -11.08
C GLN C 263 -4.63 -26.70 -12.47
N ALA C 264 -5.48 -26.90 -13.49
CA ALA C 264 -5.09 -26.83 -14.90
C ALA C 264 -5.59 -25.52 -15.47
N VAL C 265 -4.94 -25.04 -16.51
CA VAL C 265 -5.50 -24.00 -17.33
C VAL C 265 -5.64 -24.57 -18.74
N ILE C 266 -6.84 -24.41 -19.25
CA ILE C 266 -7.12 -24.70 -20.67
C ILE C 266 -6.80 -23.42 -21.45
N LEU C 267 -5.88 -23.50 -22.43
CA LEU C 267 -5.48 -22.36 -23.23
C LEU C 267 -5.94 -22.56 -24.69
N MET C 268 -6.93 -21.75 -25.10
CA MET C 268 -7.55 -21.87 -26.42
C MET C 268 -7.09 -20.76 -27.33
N ALA C 269 -6.92 -21.05 -28.61
CA ALA C 269 -6.67 -20.02 -29.62
C ALA C 269 -7.23 -20.52 -30.93
N ALA C 270 -7.95 -19.66 -31.66
CA ALA C 270 -8.53 -20.07 -32.93
C ALA C 270 -8.86 -18.87 -33.79
N TRP C 271 -8.78 -19.07 -35.10
CA TRP C 271 -9.15 -18.04 -36.02
C TRP C 271 -10.64 -18.12 -36.40
N LEU C 272 -11.27 -16.95 -36.44
CA LEU C 272 -12.63 -16.80 -36.93
C LEU C 272 -12.57 -15.63 -37.90
N GLY C 273 -12.71 -15.90 -39.17
CA GLY C 273 -12.49 -14.87 -40.20
C GLY C 273 -11.11 -14.26 -40.04
N LYS C 274 -11.05 -12.94 -39.93
CA LYS C 274 -9.78 -12.21 -39.84
C LYS C 274 -9.25 -12.11 -38.40
N ALA C 275 -10.05 -12.55 -37.44
CA ALA C 275 -9.71 -12.44 -36.01
C ALA C 275 -9.07 -13.73 -35.46
N ARG C 276 -8.02 -13.55 -34.66
CA ARG C 276 -7.45 -14.62 -33.90
C ARG C 276 -7.81 -14.40 -32.47
N LEU C 277 -8.73 -15.22 -31.99
CA LEU C 277 -9.34 -15.10 -30.68
C LEU C 277 -8.69 -16.07 -29.70
N ILE C 278 -8.56 -15.64 -28.46
CA ILE C 278 -8.02 -16.54 -27.44
C ILE C 278 -8.96 -16.55 -26.30
N ASP C 279 -8.84 -17.59 -25.52
CA ASP C 279 -9.63 -17.72 -24.29
C ASP C 279 -8.93 -18.72 -23.39
N ASN C 280 -9.35 -18.78 -22.14
CA ASN C 280 -8.78 -19.71 -21.21
C ASN C 280 -9.74 -19.97 -20.08
N GLN C 281 -9.52 -21.09 -19.40
CA GLN C 281 -10.32 -21.46 -18.28
C GLN C 281 -9.54 -22.29 -17.29
N LEU C 282 -9.65 -21.88 -16.03
CA LEU C 282 -9.03 -22.63 -14.91
C LEU C 282 -9.91 -23.80 -14.53
N VAL C 283 -9.30 -24.95 -14.23
CA VAL C 283 -10.00 -26.15 -13.81
C VAL C 283 -9.39 -26.68 -12.53
N ASP C 284 -10.20 -26.74 -11.51
CA ASP C 284 -9.79 -27.38 -10.27
C ASP C 284 -9.71 -28.87 -10.44
N LEU C 285 -8.53 -29.46 -10.18
CA LEU C 285 -8.30 -30.88 -10.39
C LEU C 285 -8.44 -31.69 -9.14
N ARG C 286 -8.77 -31.01 -8.06
CA ARG C 286 -8.82 -31.63 -6.73
C ARG C 286 -10.19 -32.26 -6.49
N HIS C 287 -10.21 -33.41 -5.80
CA HIS C 287 -11.46 -34.03 -5.41
C HIS C 287 -11.16 -35.00 -4.28
N ALA D 3 27.68 6.16 10.24
CA ALA D 3 28.39 4.91 9.87
C ALA D 3 27.85 4.39 8.53
N MET D 4 28.78 4.16 7.60
CA MET D 4 28.44 3.51 6.33
C MET D 4 27.72 2.16 6.53
N LEU D 5 26.57 2.01 5.88
CA LEU D 5 25.84 0.75 5.92
C LEU D 5 26.45 -0.22 4.92
N ILE D 6 26.45 -1.51 5.27
CA ILE D 6 26.85 -2.61 4.38
C ILE D 6 25.70 -3.60 4.34
N ILE D 7 25.17 -3.86 3.14
CA ILE D 7 23.97 -4.72 2.96
C ILE D 7 24.29 -5.79 1.92
N GLU D 8 23.97 -7.04 2.24
CA GLU D 8 24.23 -8.15 1.35
C GLU D 8 22.93 -8.73 0.82
N THR D 9 21.80 -8.54 1.50
CA THR D 9 20.56 -9.23 1.07
C THR D 9 19.59 -8.25 0.38
N LEU D 10 18.79 -8.79 -0.52
CA LEU D 10 17.81 -7.97 -1.21
C LEU D 10 16.69 -7.41 -0.32
N PRO D 11 16.16 -8.21 0.64
CA PRO D 11 15.10 -7.65 1.46
C PRO D 11 15.56 -6.48 2.33
N LEU D 12 16.80 -6.54 2.83
CA LEU D 12 17.30 -5.43 3.59
C LEU D 12 17.63 -4.25 2.67
N LEU D 13 18.12 -4.50 1.47
CA LEU D 13 18.31 -3.38 0.56
C LEU D 13 16.99 -2.67 0.26
N ARG D 14 15.95 -3.45 -0.07
CA ARG D 14 14.63 -2.88 -0.39
C ARG D 14 14.09 -2.02 0.76
N GLN D 15 14.32 -2.49 1.99
CA GLN D 15 13.82 -1.77 3.16
C GLN D 15 14.44 -0.38 3.24
N GLN D 16 15.75 -0.31 2.97
CA GLN D 16 16.48 0.95 3.06
C GLN D 16 16.15 1.86 1.90
N ILE D 17 16.10 1.32 0.68
CA ILE D 17 15.82 2.16 -0.48
C ILE D 17 14.43 2.77 -0.32
N ARG D 18 13.46 1.95 0.11
CA ARG D 18 12.09 2.46 0.29
C ARG D 18 12.06 3.60 1.28
N ARG D 19 12.80 3.49 2.38
CA ARG D 19 12.85 4.55 3.38
CA ARG D 19 12.86 4.55 3.40
C ARG D 19 13.35 5.84 2.77
N TRP D 20 14.44 5.77 2.02
CA TRP D 20 15.03 6.98 1.47
C TRP D 20 14.12 7.58 0.45
N ARG D 21 13.48 6.74 -0.35
CA ARG D 21 12.56 7.25 -1.38
C ARG D 21 11.36 7.92 -0.73
N GLN D 22 10.88 7.34 0.36
CA GLN D 22 9.71 7.95 1.05
C GLN D 22 10.10 9.26 1.75
N GLU D 23 11.32 9.30 2.25
CA GLU D 23 11.88 10.52 2.86
C GLU D 23 12.28 11.58 1.84
N GLY D 24 12.20 11.28 0.55
CA GLY D 24 12.51 12.23 -0.52
C GLY D 24 14.00 12.52 -0.74
N LYS D 25 14.86 11.58 -0.33
CA LYS D 25 16.32 11.75 -0.47
C LYS D 25 16.67 11.52 -1.93
N ARG D 26 17.63 12.27 -2.45
CA ARG D 26 18.17 12.06 -3.79
C ARG D 26 19.26 11.01 -3.67
N ILE D 27 19.20 9.96 -4.49
CA ILE D 27 20.11 8.82 -4.37
C ILE D 27 21.05 8.82 -5.57
N ALA D 28 22.37 8.66 -5.31
CA ALA D 28 23.33 8.39 -6.39
C ALA D 28 23.82 6.96 -6.31
N LEU D 29 24.05 6.35 -7.46
CA LEU D 29 24.54 4.98 -7.53
C LEU D 29 25.86 4.95 -8.28
N VAL D 30 26.83 4.22 -7.72
CA VAL D 30 28.12 3.99 -8.36
C VAL D 30 28.27 2.44 -8.45
N PRO D 31 28.01 1.88 -9.63
CA PRO D 31 28.17 0.41 -9.75
C PRO D 31 29.64 0.01 -9.93
N THR D 32 30.07 -1.01 -9.23
CA THR D 32 31.44 -1.56 -9.37
C THR D 32 31.46 -3.06 -9.23
N MET D 33 32.57 -3.66 -9.63
CA MET D 33 32.84 -5.08 -9.35
C MET D 33 33.91 -5.28 -8.25
N GLY D 34 34.07 -4.29 -7.38
CA GLY D 34 35.02 -4.42 -6.31
C GLY D 34 36.46 -4.27 -6.80
N ASN D 35 37.38 -4.66 -5.94
CA ASN D 35 38.83 -4.48 -6.22
C ASN D 35 39.11 -3.00 -6.56
N LEU D 36 38.69 -2.13 -5.66
CA LEU D 36 38.65 -0.69 -5.95
C LEU D 36 39.99 0.01 -5.89
N HIS D 37 40.17 0.97 -6.77
CA HIS D 37 41.40 1.78 -6.88
C HIS D 37 41.00 3.28 -6.74
N GLU D 38 41.91 4.20 -7.09
CA GLU D 38 41.66 5.63 -6.91
CA GLU D 38 41.65 5.63 -6.91
C GLU D 38 40.67 6.20 -7.94
N GLY D 39 40.56 5.57 -9.09
CA GLY D 39 39.58 5.97 -10.07
C GLY D 39 38.17 5.67 -9.56
N HIS D 40 37.98 4.55 -8.88
CA HIS D 40 36.67 4.29 -8.30
C HIS D 40 36.35 5.40 -7.32
N MET D 41 37.36 5.89 -6.58
CA MET D 41 37.04 6.88 -5.54
C MET D 41 36.60 8.23 -6.12
N THR D 42 37.10 8.58 -7.31
CA THR D 42 36.64 9.81 -7.97
C THR D 42 35.17 9.71 -8.37
N LEU D 43 34.71 8.50 -8.68
CA LEU D 43 33.29 8.27 -8.91
C LEU D 43 32.43 8.58 -7.70
N VAL D 44 32.91 8.12 -6.55
CA VAL D 44 32.21 8.30 -5.30
C VAL D 44 32.19 9.82 -4.97
N ASP D 45 33.30 10.50 -5.17
CA ASP D 45 33.38 11.94 -4.85
C ASP D 45 32.43 12.74 -5.74
N GLU D 46 32.33 12.35 -7.03
CA GLU D 46 31.40 13.01 -7.93
C GLU D 46 29.96 12.76 -7.51
N ALA D 47 29.64 11.50 -7.12
CA ALA D 47 28.32 11.12 -6.75
C ALA D 47 27.90 11.95 -5.55
N LYS D 48 28.83 12.14 -4.62
CA LYS D 48 28.55 12.89 -3.38
C LYS D 48 28.12 14.33 -3.59
N THR D 49 28.60 14.95 -4.65
CA THR D 49 28.17 16.30 -5.03
C THR D 49 26.81 16.41 -5.69
N ARG D 50 26.17 15.27 -6.05
CA ARG D 50 24.97 15.29 -6.87
C ARG D 50 23.77 14.65 -6.23
N ALA D 51 23.92 14.18 -5.00
CA ALA D 51 22.84 13.55 -4.29
C ALA D 51 22.96 13.63 -2.77
N ASP D 52 21.90 13.23 -2.08
CA ASP D 52 21.88 13.25 -0.60
C ASP D 52 22.58 12.01 -0.04
N VAL D 53 22.36 10.87 -0.71
CA VAL D 53 22.99 9.61 -0.28
C VAL D 53 23.67 8.97 -1.51
N VAL D 54 24.81 8.31 -1.28
CA VAL D 54 25.53 7.61 -2.30
C VAL D 54 25.56 6.10 -2.00
N VAL D 55 25.07 5.33 -2.95
CA VAL D 55 25.08 3.87 -2.88
C VAL D 55 26.15 3.34 -3.82
N VAL D 56 27.05 2.50 -3.31
CA VAL D 56 28.06 1.87 -4.13
C VAL D 56 27.75 0.36 -4.16
N THR D 57 27.69 -0.23 -5.34
CA THR D 57 27.50 -1.68 -5.39
C THR D 57 28.87 -2.33 -5.64
N ILE D 58 29.08 -3.49 -5.03
CA ILE D 58 30.23 -4.37 -5.30
C ILE D 58 29.66 -5.72 -5.69
N PHE D 59 29.78 -6.05 -6.94
CA PHE D 59 29.18 -7.30 -7.44
C PHE D 59 29.92 -7.74 -8.68
N VAL D 60 30.66 -8.86 -8.55
CA VAL D 60 31.29 -9.46 -9.70
C VAL D 60 30.22 -10.24 -10.48
N ASN D 61 29.86 -9.68 -11.61
CA ASN D 61 28.66 -10.11 -12.35
C ASN D 61 28.92 -11.28 -13.29
N PRO D 62 28.49 -12.52 -12.95
CA PRO D 62 28.75 -13.70 -13.78
C PRO D 62 28.18 -13.60 -15.18
N LEU D 63 27.16 -12.76 -15.36
CA LEU D 63 26.49 -12.69 -16.64
C LEU D 63 27.33 -11.99 -17.70
N GLN D 64 28.34 -11.20 -17.31
CA GLN D 64 29.14 -10.46 -18.28
C GLN D 64 30.49 -11.10 -18.53
N PHE D 65 30.75 -12.27 -17.96
CA PHE D 65 32.04 -13.00 -18.20
C PHE D 65 31.80 -14.02 -19.31
N GLU D 66 32.59 -13.96 -20.34
CA GLU D 66 32.54 -14.94 -21.44
C GLU D 66 32.85 -16.40 -20.94
N ARG D 67 33.81 -16.50 -20.02
CA ARG D 67 34.36 -17.77 -19.56
CA ARG D 67 34.31 -17.78 -19.55
C ARG D 67 34.14 -17.93 -18.03
N PRO D 68 33.38 -18.98 -17.60
CA PRO D 68 32.98 -19.15 -16.17
C PRO D 68 34.13 -19.04 -15.14
N ASP D 69 35.32 -19.51 -15.50
CA ASP D 69 36.48 -19.43 -14.60
C ASP D 69 37.15 -18.05 -14.40
N ASP D 70 37.00 -17.04 -15.28
CA ASP D 70 37.46 -15.66 -14.84
C ASP D 70 36.71 -15.23 -13.60
N LEU D 71 35.48 -15.72 -13.44
CA LEU D 71 34.74 -15.40 -12.23
C LEU D 71 35.56 -15.88 -11.03
N ALA D 72 35.99 -17.17 -11.07
CA ALA D 72 36.79 -17.77 -10.01
C ALA D 72 38.12 -17.01 -9.77
N HIS D 73 38.64 -16.36 -10.81
CA HIS D 73 39.92 -15.68 -10.74
C HIS D 73 39.80 -14.15 -10.58
N TYR D 74 38.59 -13.61 -10.52
CA TYR D 74 38.45 -12.14 -10.42
C TYR D 74 38.84 -11.68 -9.01
N PRO D 75 39.65 -10.61 -8.88
CA PRO D 75 40.06 -10.23 -7.50
C PRO D 75 38.91 -9.84 -6.58
N ARG D 76 38.92 -10.41 -5.38
CA ARG D 76 37.96 -10.11 -4.31
C ARG D 76 38.71 -9.49 -3.16
N THR D 77 38.36 -8.24 -2.84
CA THR D 77 39.05 -7.47 -1.81
C THR D 77 38.05 -6.63 -1.02
N LEU D 78 37.05 -7.27 -0.42
CA LEU D 78 35.91 -6.53 0.17
C LEU D 78 36.32 -5.62 1.33
N GLN D 79 37.22 -6.10 2.19
CA GLN D 79 37.65 -5.34 3.35
C GLN D 79 38.35 -4.07 2.96
N GLU D 80 39.27 -4.18 2.01
CA GLU D 80 40.01 -3.05 1.48
C GLU D 80 39.09 -2.12 0.70
N ASP D 81 38.14 -2.70 -0.04
CA ASP D 81 37.14 -1.87 -0.74
C ASP D 81 36.34 -1.01 0.25
N CYS D 82 35.92 -1.60 1.34
CA CYS D 82 35.07 -0.91 2.29
C CYS D 82 35.85 0.16 3.05
N GLU D 83 37.15 -0.08 3.26
CA GLU D 83 38.01 0.92 3.88
C GLU D 83 38.01 2.18 3.04
N LYS D 84 38.19 2.04 1.74
CA LYS D 84 38.25 3.21 0.85
C LYS D 84 36.93 3.94 0.80
N LEU D 85 35.84 3.19 0.66
CA LEU D 85 34.49 3.77 0.60
C LEU D 85 34.08 4.51 1.87
N THR D 86 34.44 3.99 3.05
CA THR D 86 34.22 4.67 4.33
C THR D 86 34.93 6.04 4.30
N ARG D 87 36.18 6.05 3.88
CA ARG D 87 36.94 7.33 3.81
C ARG D 87 36.34 8.38 2.88
N HIS D 88 35.79 7.90 1.76
CA HIS D 88 35.15 8.75 0.78
C HIS D 88 33.68 9.02 1.04
N GLY D 89 33.14 8.53 2.15
CA GLY D 89 31.81 8.92 2.58
C GLY D 89 30.64 8.22 1.92
N ALA D 90 30.83 7.03 1.37
CA ALA D 90 29.69 6.30 0.82
C ALA D 90 28.72 6.03 1.94
N ASP D 91 27.43 6.13 1.65
CA ASP D 91 26.40 5.92 2.68
C ASP D 91 26.02 4.45 2.80
N LEU D 92 26.12 3.70 1.71
CA LEU D 92 25.71 2.30 1.65
C LEU D 92 26.52 1.55 0.62
N VAL D 93 27.08 0.42 1.04
CA VAL D 93 27.68 -0.52 0.12
C VAL D 93 26.75 -1.73 0.02
N PHE D 94 26.34 -2.07 -1.21
CA PHE D 94 25.49 -3.23 -1.50
C PHE D 94 26.41 -4.26 -2.17
N ALA D 95 26.60 -5.38 -1.45
CA ALA D 95 27.52 -6.44 -1.83
C ALA D 95 26.86 -7.82 -1.79
N PRO D 96 26.03 -8.12 -2.81
CA PRO D 96 25.22 -9.36 -2.81
C PRO D 96 25.97 -10.58 -3.33
N ALA D 97 25.43 -11.75 -3.01
CA ALA D 97 25.90 -13.01 -3.56
C ALA D 97 25.24 -13.23 -4.88
N ALA D 98 26.00 -13.80 -5.82
CA ALA D 98 25.49 -14.14 -7.13
C ALA D 98 24.23 -15.00 -7.07
N ALA D 99 24.13 -15.88 -6.09
CA ALA D 99 22.92 -16.72 -5.88
C ALA D 99 21.68 -15.90 -5.60
N ASP D 100 21.84 -14.75 -4.94
CA ASP D 100 20.72 -13.91 -4.60
C ASP D 100 20.32 -12.98 -5.76
N ILE D 101 21.24 -12.67 -6.65
CA ILE D 101 20.95 -11.82 -7.79
C ILE D 101 20.42 -12.63 -8.98
N TYR D 102 20.91 -13.86 -9.13
CA TYR D 102 20.50 -14.74 -10.21
C TYR D 102 20.05 -16.11 -9.68
N PRO D 103 19.03 -16.13 -8.84
CA PRO D 103 18.58 -17.43 -8.25
C PRO D 103 18.03 -18.45 -9.25
N ALA D 104 17.61 -17.99 -10.43
CA ALA D 104 17.06 -18.83 -11.49
C ALA D 104 18.13 -19.26 -12.51
N GLY D 105 19.38 -18.93 -12.18
CA GLY D 105 20.51 -19.21 -13.05
C GLY D 105 20.70 -18.18 -14.14
N LEU D 106 21.71 -18.38 -14.95
CA LEU D 106 22.07 -17.41 -15.94
C LEU D 106 21.39 -17.67 -17.29
N GLU D 107 21.09 -18.92 -17.61
CA GLU D 107 20.56 -19.26 -18.93
C GLU D 107 19.17 -18.72 -19.15
N LYS D 108 18.31 -18.75 -18.14
CA LYS D 108 16.91 -18.30 -18.31
C LYS D 108 16.58 -17.02 -17.55
N GLN D 109 17.62 -16.33 -17.10
CA GLN D 109 17.47 -14.98 -16.54
C GLN D 109 16.98 -13.99 -17.62
N THR D 110 15.97 -13.21 -17.27
CA THR D 110 15.49 -12.09 -18.12
C THR D 110 16.65 -11.17 -18.39
N TYR D 111 16.80 -10.74 -19.63
CA TYR D 111 17.91 -9.93 -20.04
C TYR D 111 17.48 -8.69 -20.81
N VAL D 112 18.39 -7.70 -20.82
CA VAL D 112 18.19 -6.45 -21.51
C VAL D 112 19.33 -6.38 -22.53
N ASP D 113 19.01 -6.12 -23.77
CA ASP D 113 19.98 -6.08 -24.90
CA ASP D 113 20.01 -6.06 -24.78
C ASP D 113 19.88 -4.75 -25.55
N VAL D 114 21.01 -4.09 -25.75
CA VAL D 114 21.06 -2.83 -26.46
C VAL D 114 21.61 -3.12 -27.86
N PRO D 115 20.75 -3.14 -28.89
CA PRO D 115 21.27 -3.42 -30.21
C PRO D 115 22.42 -2.51 -30.67
N ALA D 116 23.32 -3.12 -31.44
CA ALA D 116 24.48 -2.46 -32.10
C ALA D 116 25.57 -2.10 -31.09
N LEU D 117 25.29 -1.21 -30.13
CA LEU D 117 26.35 -0.84 -29.18
C LEU D 117 26.87 -2.03 -28.42
N SER D 118 26.08 -3.09 -28.32
CA SER D 118 26.51 -4.28 -27.66
C SER D 118 27.39 -5.18 -28.51
N THR D 119 27.38 -4.97 -29.83
CA THR D 119 28.03 -5.91 -30.76
C THR D 119 29.01 -5.27 -31.74
N ILE D 120 29.10 -3.95 -31.82
CA ILE D 120 30.14 -3.29 -32.61
C ILE D 120 31.38 -3.03 -31.73
N LEU D 121 32.51 -2.76 -32.38
CA LEU D 121 33.77 -2.49 -31.66
C LEU D 121 34.15 -3.47 -30.59
N GLU D 122 34.26 -3.04 -29.33
CA GLU D 122 34.67 -3.95 -28.27
CA GLU D 122 34.63 -3.93 -28.23
C GLU D 122 33.71 -5.12 -28.10
N GLY D 123 32.46 -4.94 -28.51
CA GLY D 123 31.47 -6.00 -28.37
C GLY D 123 31.62 -7.11 -29.39
N ALA D 124 32.30 -6.82 -30.50
CA ALA D 124 32.39 -7.74 -31.65
C ALA D 124 33.10 -9.09 -31.36
N SER D 125 34.00 -9.07 -30.39
CA SER D 125 34.83 -10.20 -29.97
C SER D 125 34.41 -10.83 -28.65
N ARG D 126 33.34 -10.34 -28.03
CA ARG D 126 33.03 -10.71 -26.63
C ARG D 126 31.53 -11.03 -26.52
N PRO D 127 31.12 -12.18 -27.04
CA PRO D 127 29.71 -12.51 -27.09
C PRO D 127 29.08 -12.62 -25.70
N GLY D 128 27.97 -11.89 -25.55
CA GLY D 128 27.25 -11.91 -24.29
C GLY D 128 27.81 -10.94 -23.26
N HIS D 129 28.98 -10.33 -23.48
CA HIS D 129 29.56 -9.35 -22.47
C HIS D 129 28.65 -8.18 -22.16
N PHE D 130 28.28 -7.41 -23.17
CA PHE D 130 27.54 -6.20 -22.93
C PHE D 130 26.09 -6.49 -22.54
N ARG D 131 25.53 -7.59 -23.04
CA ARG D 131 24.21 -8.04 -22.52
C ARG D 131 24.28 -8.18 -20.99
N GLY D 132 25.36 -8.75 -20.47
CA GLY D 132 25.48 -8.92 -19.05
C GLY D 132 25.56 -7.59 -18.32
N VAL D 133 26.19 -6.62 -18.94
CA VAL D 133 26.32 -5.28 -18.35
C VAL D 133 24.98 -4.55 -18.32
N SER D 134 24.28 -4.50 -19.46
CA SER D 134 22.97 -3.79 -19.53
C SER D 134 21.96 -4.48 -18.62
N THR D 135 22.06 -5.82 -18.54
CA THR D 135 21.17 -6.57 -17.66
C THR D 135 21.38 -6.24 -16.19
N ILE D 136 22.63 -6.35 -15.71
CA ILE D 136 22.85 -6.04 -14.29
C ILE D 136 22.60 -4.55 -13.97
N VAL D 137 22.97 -3.65 -14.88
CA VAL D 137 22.80 -2.22 -14.57
C VAL D 137 21.31 -1.91 -14.50
N SER D 138 20.51 -2.45 -15.42
CA SER D 138 19.04 -2.28 -15.33
CA SER D 138 19.05 -2.28 -15.34
C SER D 138 18.55 -2.80 -14.00
N LYS D 139 19.01 -3.98 -13.61
CA LYS D 139 18.53 -4.54 -12.39
C LYS D 139 18.86 -3.68 -11.20
N LEU D 140 20.08 -3.20 -11.15
CA LEU D 140 20.51 -2.30 -10.07
C LEU D 140 19.67 -1.00 -10.08
N PHE D 141 19.40 -0.47 -11.26
CA PHE D 141 18.52 0.69 -11.38
C PHE D 141 17.12 0.42 -10.75
N ASN D 142 16.59 -0.76 -11.01
CA ASN D 142 15.28 -1.13 -10.51
C ASN D 142 15.33 -1.30 -8.99
N LEU D 143 16.40 -1.88 -8.49
CA LEU D 143 16.51 -2.17 -7.08
C LEU D 143 16.75 -0.94 -6.23
N ILE D 144 17.47 0.02 -6.80
CA ILE D 144 18.03 1.13 -6.02
C ILE D 144 17.38 2.47 -6.38
N GLN D 145 16.78 2.57 -7.56
CA GLN D 145 16.00 3.76 -8.00
C GLN D 145 16.79 5.05 -7.81
N PRO D 146 18.01 5.07 -8.34
CA PRO D 146 18.80 6.26 -8.18
C PRO D 146 18.30 7.39 -9.06
N ASP D 147 18.62 8.61 -8.66
CA ASP D 147 18.38 9.79 -9.50
C ASP D 147 19.59 10.09 -10.40
N VAL D 148 20.74 9.53 -10.04
CA VAL D 148 22.04 9.84 -10.66
CA VAL D 148 21.96 9.79 -10.79
C VAL D 148 22.86 8.58 -10.60
N ALA D 149 23.59 8.24 -11.66
CA ALA D 149 24.50 7.08 -11.62
C ALA D 149 25.82 7.48 -12.26
N CYS D 150 26.94 7.17 -11.61
CA CYS D 150 28.27 7.58 -12.14
C CYS D 150 29.07 6.41 -12.69
N PHE D 151 29.63 6.59 -13.87
CA PHE D 151 30.44 5.60 -14.55
C PHE D 151 31.72 6.28 -15.05
N GLY D 152 32.79 5.49 -15.12
CA GLY D 152 34.05 5.98 -15.67
C GLY D 152 34.07 6.11 -17.20
N GLU D 153 34.66 7.19 -17.71
CA GLU D 153 34.88 7.35 -19.12
C GLU D 153 35.89 6.36 -19.63
N LYS D 154 36.72 5.80 -18.76
CA LYS D 154 37.73 4.85 -19.16
C LYS D 154 37.13 3.72 -19.99
N ASP D 155 35.94 3.23 -19.60
CA ASP D 155 35.22 2.18 -20.33
CA ASP D 155 35.23 2.18 -20.35
C ASP D 155 34.17 2.89 -21.16
N TYR D 156 34.63 3.48 -22.27
CA TYR D 156 33.81 4.37 -23.03
C TYR D 156 32.59 3.68 -23.62
N GLN D 157 32.76 2.47 -24.21
CA GLN D 157 31.66 1.80 -24.87
C GLN D 157 30.60 1.38 -23.85
N GLN D 158 31.02 0.96 -22.67
CA GLN D 158 30.07 0.69 -21.62
C GLN D 158 29.22 1.95 -21.32
N LEU D 159 29.89 3.10 -21.19
CA LEU D 159 29.17 4.33 -20.83
C LEU D 159 28.14 4.70 -21.91
N ALA D 160 28.55 4.58 -23.18
CA ALA D 160 27.65 4.84 -24.28
C ALA D 160 26.44 3.87 -24.27
N LEU D 161 26.73 2.61 -24.02
CA LEU D 161 25.72 1.52 -23.94
C LEU D 161 24.70 1.81 -22.85
N ILE D 162 25.18 2.24 -21.68
CA ILE D 162 24.29 2.55 -20.56
CA ILE D 162 24.29 2.55 -20.56
C ILE D 162 23.46 3.82 -20.84
N ARG D 163 24.06 4.85 -21.41
CA ARG D 163 23.30 6.03 -21.81
C ARG D 163 22.19 5.66 -22.83
N LYS D 164 22.46 4.78 -23.77
CA LYS D 164 21.44 4.39 -24.76
CA LYS D 164 21.43 4.40 -24.75
C LYS D 164 20.31 3.59 -24.07
N MET D 165 20.70 2.66 -23.22
CA MET D 165 19.73 1.88 -22.48
C MET D 165 18.79 2.84 -21.71
N VAL D 166 19.38 3.83 -21.03
CA VAL D 166 18.62 4.72 -20.21
C VAL D 166 17.61 5.52 -21.02
N ALA D 167 18.04 6.04 -22.14
CA ALA D 167 17.14 6.77 -23.04
C ALA D 167 16.03 5.86 -23.57
N ASP D 168 16.43 4.70 -24.06
CA ASP D 168 15.49 3.82 -24.71
C ASP D 168 14.44 3.23 -23.74
N MET D 169 14.86 2.99 -22.48
CA MET D 169 14.03 2.28 -21.55
C MET D 169 13.29 3.18 -20.58
N GLY D 170 13.39 4.50 -20.72
CA GLY D 170 12.60 5.44 -19.94
C GLY D 170 13.06 5.62 -18.52
N TYR D 171 14.34 5.38 -18.24
CA TYR D 171 14.88 5.63 -16.91
C TYR D 171 15.12 7.12 -16.73
N ASP D 172 14.58 7.67 -15.68
CA ASP D 172 14.80 9.11 -15.34
C ASP D 172 15.99 9.20 -14.38
N ILE D 173 17.16 8.96 -14.96
CA ILE D 173 18.41 8.89 -14.24
C ILE D 173 19.43 9.67 -14.99
N ASN D 174 20.11 10.58 -14.31
CA ASN D 174 21.20 11.35 -14.92
C ASN D 174 22.46 10.47 -14.93
N ILE D 175 23.00 10.18 -16.09
CA ILE D 175 24.17 9.31 -16.20
C ILE D 175 25.36 10.24 -16.34
N VAL D 176 26.21 10.20 -15.33
CA VAL D 176 27.41 11.05 -15.28
C VAL D 176 28.67 10.26 -15.64
N GLY D 177 29.40 10.76 -16.65
CA GLY D 177 30.69 10.21 -17.01
C GLY D 177 31.78 10.95 -16.25
N VAL D 178 32.63 10.20 -15.60
CA VAL D 178 33.69 10.76 -14.76
C VAL D 178 35.00 10.54 -15.49
N PRO D 179 35.75 11.61 -15.72
CA PRO D 179 37.00 11.43 -16.43
C PRO D 179 38.00 10.50 -15.73
N THR D 180 38.85 9.88 -16.52
CA THR D 180 39.82 8.96 -15.97
CA THR D 180 39.84 8.95 -15.96
C THR D 180 40.87 9.71 -15.15
N VAL D 181 41.34 9.10 -14.06
CA VAL D 181 42.44 9.68 -13.27
C VAL D 181 43.73 9.57 -14.12
N ARG D 182 44.56 10.61 -14.12
CA ARG D 182 45.81 10.62 -14.86
C ARG D 182 47.01 10.92 -13.97
N ALA D 183 48.16 10.36 -14.32
CA ALA D 183 49.43 10.71 -13.69
C ALA D 183 49.78 12.16 -14.05
N LYS D 184 50.76 12.77 -13.37
CA LYS D 184 51.14 14.15 -13.67
C LYS D 184 51.53 14.30 -15.14
N ASP D 185 52.24 13.30 -15.66
CA ASP D 185 52.66 13.28 -17.06
C ASP D 185 51.56 12.97 -18.10
N GLY D 186 50.36 12.57 -17.64
CA GLY D 186 49.22 12.33 -18.54
C GLY D 186 48.76 10.88 -18.75
N LEU D 187 49.56 9.90 -18.35
CA LEU D 187 49.17 8.50 -18.51
C LEU D 187 47.88 8.19 -17.70
N ALA D 188 46.91 7.57 -18.34
CA ALA D 188 45.68 7.14 -17.66
C ALA D 188 45.94 6.02 -16.65
N LEU D 189 45.40 6.18 -15.44
CA LEU D 189 45.46 5.13 -14.41
C LEU D 189 44.84 3.82 -14.90
N SER D 190 45.55 2.70 -14.69
CA SER D 190 45.12 1.37 -15.13
C SER D 190 46.03 0.31 -14.49
N SER D 191 45.46 -0.84 -14.11
CA SER D 191 46.22 -1.98 -13.56
C SER D 191 47.00 -2.73 -14.62
N ARG D 192 47.20 -2.09 -15.78
CA ARG D 192 48.18 -2.52 -16.76
C ARG D 192 49.40 -1.57 -16.79
N ASN D 193 49.38 -0.52 -15.98
CA ASN D 193 50.54 0.39 -15.81
C ASN D 193 51.66 -0.19 -14.93
N GLY D 194 51.36 -1.23 -14.15
CA GLY D 194 52.38 -1.95 -13.37
C GLY D 194 53.22 -2.90 -14.20
N TYR D 195 52.61 -3.51 -15.22
CA TYR D 195 53.29 -4.45 -16.12
C TYR D 195 54.39 -3.82 -17.00
N LEU D 196 54.54 -2.49 -16.95
CA LEU D 196 55.61 -1.76 -17.64
C LEU D 196 56.90 -1.71 -16.80
N THR D 197 58.04 -1.50 -17.46
CA THR D 197 59.32 -1.20 -16.81
C THR D 197 59.51 0.32 -16.78
N GLU D 198 60.53 0.82 -16.07
CA GLU D 198 60.83 2.27 -16.05
C GLU D 198 61.11 2.85 -17.45
N GLU D 199 61.74 2.03 -18.30
CA GLU D 199 62.01 2.44 -19.68
CA GLU D 199 62.02 2.37 -19.71
C GLU D 199 60.73 2.47 -20.54
N GLU D 200 59.77 1.60 -20.23
CA GLU D 200 58.48 1.56 -20.95
C GLU D 200 57.46 2.54 -20.35
N ARG D 201 57.56 2.79 -19.05
CA ARG D 201 56.70 3.75 -18.35
C ARG D 201 57.07 5.19 -18.74
N GLN D 202 58.29 5.40 -19.22
CA GLN D 202 58.73 6.71 -19.71
C GLN D 202 58.11 7.10 -21.07
N ILE D 203 57.70 6.11 -21.87
CA ILE D 203 57.12 6.37 -23.20
C ILE D 203 55.58 6.28 -23.25
N ALA D 204 54.95 5.64 -22.25
CA ALA D 204 53.48 5.48 -22.23
C ALA D 204 52.66 6.80 -22.33
N PRO D 205 53.22 7.93 -21.85
CA PRO D 205 52.51 9.22 -22.03
C PRO D 205 52.30 9.70 -23.49
N GLN D 206 53.13 9.28 -24.45
CA GLN D 206 52.94 9.68 -25.88
C GLN D 206 51.60 9.14 -26.42
N LEU D 207 51.07 8.09 -25.80
CA LEU D 207 49.71 7.65 -26.11
C LEU D 207 48.73 8.83 -25.97
N SER D 208 48.64 9.39 -24.78
CA SER D 208 47.74 10.52 -24.54
C SER D 208 48.09 11.77 -25.36
N LYS D 209 49.38 12.08 -25.51
CA LYS D 209 49.80 13.29 -26.28
C LYS D 209 49.39 13.20 -27.77
N ILE D 210 49.56 12.03 -28.38
CA ILE D 210 49.15 11.76 -29.76
C ILE D 210 47.63 11.83 -29.90
N MET D 211 46.93 11.33 -28.86
CA MET D 211 45.48 11.48 -28.77
C MET D 211 45.09 12.94 -28.65
N TRP D 212 45.77 13.67 -27.75
CA TRP D 212 45.49 15.08 -27.54
C TRP D 212 45.90 15.92 -28.79
N ALA D 213 46.95 15.47 -29.50
CA ALA D 213 47.35 16.03 -30.81
C ALA D 213 46.21 15.94 -31.85
N LEU D 214 45.64 14.74 -31.96
CA LEU D 214 44.47 14.48 -32.84
C LEU D 214 43.25 15.35 -32.52
N ALA D 215 42.87 15.50 -31.24
CA ALA D 215 41.69 16.28 -30.85
C ALA D 215 41.81 17.76 -31.28
N GLU D 216 43.05 18.27 -31.24
CA GLU D 216 43.36 19.65 -31.66
C GLU D 216 43.10 19.92 -33.16
N LYS D 217 43.58 19.02 -34.01
CA LYS D 217 43.24 19.06 -35.43
C LYS D 217 41.72 19.32 -35.60
N MET D 218 40.91 18.46 -34.96
CA MET D 218 39.43 18.48 -35.10
C MET D 218 38.78 19.76 -34.53
N ALA D 219 39.35 20.30 -33.45
CA ALA D 219 38.87 21.55 -32.87
C ALA D 219 39.03 22.72 -33.86
N LEU D 220 40.15 22.72 -34.61
CA LEU D 220 40.37 23.69 -35.69
C LEU D 220 39.40 23.41 -36.85
N GLY D 221 39.28 22.15 -37.25
CA GLY D 221 38.35 21.78 -38.32
C GLY D 221 38.51 20.42 -38.99
N GLU D 222 39.69 19.80 -38.92
CA GLU D 222 39.96 18.52 -39.61
C GLU D 222 38.85 17.48 -39.39
N ARG D 223 38.46 16.81 -40.48
CA ARG D 223 37.40 15.82 -40.43
C ARG D 223 37.69 14.59 -41.32
N GLN D 224 38.96 14.35 -41.61
CA GLN D 224 39.38 13.22 -42.47
C GLN D 224 40.03 12.11 -41.63
N ILE D 225 39.19 11.19 -41.14
CA ILE D 225 39.53 10.25 -40.05
C ILE D 225 40.60 9.21 -40.43
N ASP D 226 40.49 8.67 -41.65
CA ASP D 226 41.50 7.72 -42.15
C ASP D 226 42.91 8.32 -42.12
N ALA D 227 43.06 9.48 -42.75
CA ALA D 227 44.35 10.17 -42.89
C ALA D 227 44.89 10.77 -41.58
N LEU D 228 44.01 11.00 -40.61
CA LEU D 228 44.39 11.45 -39.27
C LEU D 228 44.93 10.29 -38.39
N LEU D 229 44.28 9.12 -38.49
CA LEU D 229 44.63 7.95 -37.67
C LEU D 229 45.81 7.17 -38.21
N GLU D 230 46.05 7.21 -39.53
CA GLU D 230 47.29 6.67 -40.08
C GLU D 230 48.48 7.44 -39.50
N GLU D 231 48.37 8.78 -39.49
CA GLU D 231 49.40 9.65 -38.90
C GLU D 231 49.57 9.44 -37.39
N ALA D 232 48.48 9.08 -36.70
CA ALA D 232 48.57 8.67 -35.29
C ALA D 232 49.20 7.27 -35.14
N ALA D 233 48.79 6.31 -35.97
CA ALA D 233 49.20 4.90 -35.84
C ALA D 233 50.64 4.64 -36.34
N ALA D 234 51.10 5.50 -37.25
CA ALA D 234 52.49 5.52 -37.70
C ALA D 234 53.42 6.06 -36.61
N GLN D 235 52.97 7.11 -35.91
CA GLN D 235 53.74 7.78 -34.82
C GLN D 235 53.96 6.92 -33.56
N LEU D 236 52.96 6.11 -33.18
CA LEU D 236 53.06 5.23 -32.02
C LEU D 236 54.12 4.11 -32.24
N LEU D 237 54.26 3.63 -33.46
CA LEU D 237 55.34 2.67 -33.81
C LEU D 237 56.72 3.37 -33.76
N ARG D 238 56.75 4.65 -34.15
CA ARG D 238 57.95 5.49 -34.11
C ARG D 238 58.54 5.73 -32.70
N VAL D 239 57.72 5.57 -31.65
CA VAL D 239 58.15 5.81 -30.26
C VAL D 239 58.26 4.53 -29.39
N GLY D 240 57.83 3.37 -29.91
CA GLY D 240 57.98 2.08 -29.19
C GLY D 240 56.75 1.18 -28.98
N PHE D 241 55.54 1.75 -29.15
CA PHE D 241 54.25 0.98 -29.11
C PHE D 241 54.09 0.07 -30.35
N THR D 242 53.51 -1.12 -30.18
CA THR D 242 52.85 -1.81 -31.31
C THR D 242 51.38 -1.32 -31.32
N PRO D 243 51.01 -0.49 -32.32
CA PRO D 243 49.68 0.12 -32.30
C PRO D 243 48.57 -0.86 -32.70
N ASP D 244 47.51 -0.96 -31.87
CA ASP D 244 46.27 -1.68 -32.24
C ASP D 244 45.40 -0.71 -33.03
N GLU D 245 44.22 -1.17 -33.48
CA GLU D 245 43.33 -0.35 -34.32
CA GLU D 245 43.35 -0.36 -34.32
C GLU D 245 42.73 0.82 -33.54
N LEU D 246 42.71 1.98 -34.18
CA LEU D 246 42.28 3.25 -33.58
C LEU D 246 40.94 3.64 -34.21
N PHE D 247 40.04 4.28 -33.45
CA PHE D 247 38.83 4.82 -34.03
C PHE D 247 38.55 6.27 -33.65
N ILE D 248 37.75 6.92 -34.47
CA ILE D 248 37.14 8.20 -34.12
C ILE D 248 35.67 8.08 -34.53
N ARG D 249 34.77 8.16 -33.56
CA ARG D 249 33.38 7.78 -33.77
C ARG D 249 32.34 8.70 -33.12
N ASP D 250 31.11 8.60 -33.60
CA ASP D 250 30.05 9.40 -33.03
C ASP D 250 30.05 9.00 -31.56
N ALA D 251 29.97 9.99 -30.67
CA ALA D 251 30.19 9.70 -29.23
C ALA D 251 29.00 8.97 -28.58
N GLU D 252 27.83 9.06 -29.24
CA GLU D 252 26.57 8.46 -28.76
C GLU D 252 26.29 7.04 -29.33
N THR D 253 26.62 6.83 -30.60
CA THR D 253 26.31 5.56 -31.29
C THR D 253 27.55 4.69 -31.52
N LEU D 254 28.73 5.33 -31.47
CA LEU D 254 30.02 4.71 -31.81
C LEU D 254 30.13 4.33 -33.29
N GLN D 255 29.19 4.82 -34.10
CA GLN D 255 29.16 4.52 -35.54
C GLN D 255 30.04 5.62 -36.18
N PRO D 256 30.60 5.35 -37.39
CA PRO D 256 31.33 6.39 -38.09
C PRO D 256 30.59 7.72 -38.09
N LEU D 257 31.33 8.84 -38.10
CA LEU D 257 30.68 10.16 -37.96
C LEU D 257 29.85 10.49 -39.20
N THR D 258 28.85 11.36 -39.03
CA THR D 258 28.09 11.96 -40.13
C THR D 258 27.99 13.50 -39.92
N VAL D 259 27.45 14.19 -40.91
CA VAL D 259 27.16 15.64 -40.85
C VAL D 259 26.37 16.08 -39.60
N ASP D 260 25.42 15.25 -39.19
CA ASP D 260 24.58 15.52 -38.03
C ASP D 260 25.19 15.16 -36.66
N SER D 261 26.44 14.68 -36.63
CA SER D 261 27.15 14.35 -35.37
C SER D 261 27.50 15.62 -34.56
N GLN D 262 27.08 15.67 -33.29
CA GLN D 262 27.39 16.84 -32.45
C GLN D 262 28.64 16.65 -31.59
N GLN D 263 29.13 15.41 -31.50
CA GLN D 263 30.24 15.06 -30.61
C GLN D 263 30.90 13.75 -31.06
N ALA D 264 32.24 13.75 -31.11
CA ALA D 264 33.03 12.57 -31.48
C ALA D 264 33.72 11.99 -30.23
N VAL D 265 34.09 10.72 -30.31
CA VAL D 265 35.03 10.12 -29.35
C VAL D 265 36.24 9.48 -30.09
N ILE D 266 37.45 9.82 -29.64
CA ILE D 266 38.67 9.17 -30.13
C ILE D 266 39.00 8.00 -29.23
N LEU D 267 39.15 6.83 -29.82
CA LEU D 267 39.41 5.61 -29.05
C LEU D 267 40.78 5.08 -29.41
N MET D 268 41.71 5.10 -28.45
CA MET D 268 43.12 4.71 -28.66
C MET D 268 43.42 3.37 -28.00
N ALA D 269 44.31 2.59 -28.64
CA ALA D 269 44.81 1.36 -28.06
C ALA D 269 46.19 1.04 -28.68
N ALA D 270 47.14 0.60 -27.85
CA ALA D 270 48.50 0.27 -28.35
C ALA D 270 49.28 -0.60 -27.35
N TRP D 271 49.69 -1.80 -27.77
CA TRP D 271 50.51 -2.69 -26.93
CA TRP D 271 50.49 -2.68 -26.91
C TRP D 271 51.86 -2.01 -26.62
N LEU D 272 52.34 -2.19 -25.38
CA LEU D 272 53.63 -1.60 -24.93
C LEU D 272 54.35 -2.58 -23.98
N GLY D 273 54.98 -3.59 -24.58
CA GLY D 273 55.51 -4.75 -23.87
C GLY D 273 54.39 -5.74 -23.57
N LYS D 274 54.19 -6.03 -22.29
CA LYS D 274 53.08 -6.89 -21.83
C LYS D 274 51.76 -6.10 -21.71
N ALA D 275 51.80 -4.79 -21.96
CA ALA D 275 50.69 -3.89 -21.65
C ALA D 275 49.97 -3.41 -22.89
N ARG D 276 48.69 -3.76 -23.02
CA ARG D 276 47.79 -3.06 -23.94
C ARG D 276 47.21 -1.86 -23.20
N LEU D 277 47.70 -0.68 -23.57
CA LEU D 277 47.23 0.60 -23.03
CA LEU D 277 47.19 0.58 -23.01
C LEU D 277 46.07 1.15 -23.88
N ILE D 278 45.04 1.67 -23.21
CA ILE D 278 43.86 2.29 -23.84
C ILE D 278 43.71 3.75 -23.34
N ASP D 279 43.13 4.61 -24.16
CA ASP D 279 42.72 5.94 -23.72
C ASP D 279 41.61 6.48 -24.61
N ASN D 280 41.10 7.65 -24.27
CA ASN D 280 40.04 8.19 -25.10
C ASN D 280 39.76 9.64 -24.76
N GLN D 281 39.11 10.34 -25.68
CA GLN D 281 38.92 11.78 -25.57
C GLN D 281 37.67 12.19 -26.35
N LEU D 282 36.79 12.94 -25.68
CA LEU D 282 35.61 13.53 -26.34
C LEU D 282 36.01 14.81 -27.13
N VAL D 283 35.39 15.00 -28.28
CA VAL D 283 35.66 16.13 -29.17
C VAL D 283 34.34 16.76 -29.63
N ASP D 284 34.06 17.98 -29.15
CA ASP D 284 32.83 18.71 -29.49
C ASP D 284 32.85 19.10 -30.98
N LEU D 285 31.74 18.86 -31.68
CA LEU D 285 31.68 19.14 -33.14
C LEU D 285 30.70 20.25 -33.53
#